data_1RZO
#
_entry.id   1RZO
#
_cell.length_a   97.630
_cell.length_b   97.630
_cell.length_c   207.827
_cell.angle_alpha   90.00
_cell.angle_beta   90.00
_cell.angle_gamma   120.00
#
_symmetry.space_group_name_H-M   'P 32'
#
loop_
_entity.id
_entity.type
_entity.pdbx_description
1 polymer Agglutinin
2 polymer Agglutinin
3 non-polymer beta-D-galactopyranose
4 non-polymer 'SULFATE ION'
5 water water
#
loop_
_entity_poly.entity_id
_entity_poly.type
_entity_poly.pdbx_seq_one_letter_code
_entity_poly.pdbx_strand_id
1 'polypeptide(L)'
;IFPKQYPIINFTTADATVESYTNFIRAVRSHLTTGADVRHEIPVLPNRVGLPISQRFILVELSNHAELSVTLALDVTNAY
VVGCRAGNSAYFFHPDNQEDAEAITHLFTDVQNSFTFAFGGNYDRLEQLGGLRENIELGTGPLEDAISALYYYSTCGTQI
PTLARSFMVCIQMISEAARFQYIEGEMRTRIRYNRRSAPDPSVITLENSWGRLSTAIQESNQGAFASPIQLQRRNGSKFN
VYDVSILIPIIALMVYRCAPPP
;
A,C
2 'polypeptide(L)'
;ADVCMDPEPIVRIVGRNGLCVDVTGEEFFDGNPIQLWPCKSNTDWNQLWTLRKDSTIRSNGKCLTISKSSPRQQVVIYNC
STATVGATRWQIWDNRTIINPRSGLVLAATSGNSGTKLTVQTNIYAVSQGWLPTNNTQPFVTTIVGLYGMCLQANSGKVW
LEDCTSEKAEQQWALYADGSIRPQQNRDNCLTTDANIKGTVVKILSCGPASSGQRWMFKNDGTILNLYNGLVLDVRRSDP
SLKQIIVHPFHGNLNQIWLPLF
;
B,D
#
# COMPACT_ATOMS: atom_id res chain seq x y z
N LYS A 4 15.99 -15.92 -8.52
CA LYS A 4 14.90 -14.98 -8.14
C LYS A 4 15.44 -13.54 -8.05
N GLN A 5 16.52 -13.29 -8.78
CA GLN A 5 17.14 -11.98 -8.77
C GLN A 5 17.09 -11.25 -10.12
N TYR A 6 16.64 -10.01 -10.06
CA TYR A 6 16.53 -9.18 -11.24
C TYR A 6 17.94 -8.89 -11.78
N PRO A 7 18.03 -8.38 -13.01
CA PRO A 7 19.31 -8.06 -13.64
C PRO A 7 19.86 -6.72 -13.18
N ILE A 8 21.18 -6.63 -13.06
CA ILE A 8 21.79 -5.39 -12.60
C ILE A 8 22.75 -4.78 -13.61
N ILE A 9 22.50 -3.52 -13.95
CA ILE A 9 23.36 -2.76 -14.87
C ILE A 9 24.23 -1.92 -13.95
N ASN A 10 25.53 -1.90 -14.23
CA ASN A 10 26.43 -1.17 -13.38
C ASN A 10 26.97 0.16 -13.92
N PHE A 11 27.11 1.12 -13.01
CA PHE A 11 27.64 2.44 -13.35
C PHE A 11 28.23 3.20 -12.17
N THR A 12 29.38 3.82 -12.42
CA THR A 12 30.10 4.59 -11.41
C THR A 12 30.52 5.97 -11.88
N THR A 13 30.35 6.94 -10.98
CA THR A 13 30.71 8.31 -11.27
C THR A 13 32.21 8.46 -11.05
N ALA A 14 32.86 7.40 -10.60
CA ALA A 14 34.29 7.43 -10.34
C ALA A 14 35.04 7.38 -11.65
N ASP A 15 35.59 8.52 -12.05
CA ASP A 15 36.33 8.61 -13.30
C ASP A 15 35.46 8.07 -14.42
N ALA A 16 34.23 8.57 -14.45
CA ALA A 16 33.24 8.20 -15.45
C ALA A 16 33.57 8.99 -16.71
N THR A 17 33.27 8.39 -17.86
CA THR A 17 33.53 9.01 -19.16
C THR A 17 32.27 9.00 -20.00
N VAL A 18 32.28 9.76 -21.09
CA VAL A 18 31.10 9.77 -21.95
C VAL A 18 30.84 8.36 -22.47
N GLU A 19 31.88 7.53 -22.47
CA GLU A 19 31.78 6.14 -22.93
C GLU A 19 31.19 5.25 -21.86
N SER A 20 31.67 5.40 -20.63
CA SER A 20 31.14 4.56 -19.56
C SER A 20 29.66 4.91 -19.41
N TYR A 21 29.34 6.20 -19.48
CA TYR A 21 27.96 6.63 -19.37
C TYR A 21 27.12 6.10 -20.52
N THR A 22 27.61 6.32 -21.75
CA THR A 22 26.90 5.87 -22.96
C THR A 22 26.59 4.39 -22.91
N ASN A 23 27.58 3.60 -22.50
CA ASN A 23 27.44 2.14 -22.42
C ASN A 23 26.43 1.79 -21.34
N PHE A 24 26.44 2.57 -20.29
CA PHE A 24 25.53 2.37 -19.19
C PHE A 24 24.10 2.52 -19.68
N ILE A 25 23.81 3.68 -20.26
CA ILE A 25 22.47 3.98 -20.76
C ILE A 25 22.00 3.00 -21.82
N ARG A 26 22.91 2.55 -22.67
CA ARG A 26 22.53 1.60 -23.70
C ARG A 26 22.24 0.26 -23.06
N ALA A 27 23.03 -0.07 -22.04
CA ALA A 27 22.87 -1.32 -21.31
C ALA A 27 21.52 -1.32 -20.60
N VAL A 28 21.14 -0.14 -20.11
CA VAL A 28 19.87 0.01 -19.42
C VAL A 28 18.75 -0.22 -20.42
N ARG A 29 18.86 0.45 -21.56
CA ARG A 29 17.84 0.30 -22.59
C ARG A 29 17.80 -1.12 -23.04
N SER A 30 18.98 -1.70 -23.21
CA SER A 30 19.12 -3.08 -23.64
C SER A 30 18.24 -3.98 -22.78
N HIS A 31 18.22 -3.76 -21.47
CA HIS A 31 17.44 -4.58 -20.54
C HIS A 31 15.97 -4.21 -20.37
N LEU A 32 15.58 -3.09 -20.93
CA LEU A 32 14.19 -2.64 -20.85
C LEU A 32 13.50 -2.91 -22.18
N THR A 33 14.25 -3.46 -23.12
CA THR A 33 13.70 -3.70 -24.44
C THR A 33 13.81 -5.12 -24.97
N THR A 34 14.40 -6.04 -24.21
CA THR A 34 14.54 -7.42 -24.67
C THR A 34 13.24 -7.83 -25.38
N GLY A 35 12.13 -7.26 -24.92
CA GLY A 35 10.83 -7.55 -25.49
C GLY A 35 10.75 -7.48 -27.01
N ALA A 36 11.61 -6.67 -27.61
CA ALA A 36 11.68 -6.50 -29.07
C ALA A 36 10.36 -6.11 -29.78
N ASP A 37 9.82 -4.97 -29.38
CA ASP A 37 8.58 -4.43 -29.95
C ASP A 37 8.91 -3.00 -30.35
N VAL A 38 9.28 -2.82 -31.61
CA VAL A 38 9.62 -1.48 -32.10
C VAL A 38 8.48 -0.94 -32.95
N ARG A 39 8.35 0.38 -32.95
CA ARG A 39 7.32 1.07 -33.70
C ARG A 39 7.85 2.41 -34.15
N HIS A 40 7.98 2.58 -35.47
CA HIS A 40 8.49 3.81 -36.03
C HIS A 40 9.94 3.93 -35.60
N GLU A 41 10.60 2.78 -35.57
CA GLU A 41 12.00 2.68 -35.21
C GLU A 41 12.28 2.99 -33.75
N ILE A 42 11.23 3.23 -32.99
CA ILE A 42 11.36 3.53 -31.57
C ILE A 42 10.88 2.34 -30.77
N PRO A 43 11.72 1.84 -29.87
CA PRO A 43 11.36 0.69 -29.04
C PRO A 43 10.26 0.98 -28.02
N VAL A 44 9.45 -0.05 -27.78
CA VAL A 44 8.34 0.05 -26.84
C VAL A 44 8.58 -0.82 -25.62
N LEU A 45 8.43 -0.21 -24.45
CA LEU A 45 8.63 -0.92 -23.20
C LEU A 45 7.58 -2.02 -22.99
N PRO A 46 7.97 -3.10 -22.30
CA PRO A 46 7.09 -4.23 -22.03
C PRO A 46 5.75 -3.76 -21.54
N ASN A 47 4.71 -4.50 -21.89
CA ASN A 47 3.39 -4.11 -21.46
C ASN A 47 3.22 -4.44 -19.99
N ARG A 48 2.79 -3.44 -19.23
CA ARG A 48 2.56 -3.61 -17.80
C ARG A 48 1.59 -4.76 -17.60
N VAL A 49 0.39 -4.55 -18.14
CA VAL A 49 -0.69 -5.51 -18.06
C VAL A 49 -0.23 -6.92 -18.42
N GLY A 50 -0.33 -7.83 -17.45
CA GLY A 50 0.04 -9.21 -17.71
C GLY A 50 1.52 -9.51 -17.71
N LEU A 51 2.32 -8.55 -17.25
CA LEU A 51 3.76 -8.72 -17.19
C LEU A 51 4.13 -9.44 -15.89
N PRO A 52 4.76 -10.62 -16.01
CA PRO A 52 5.17 -11.43 -14.85
C PRO A 52 6.14 -10.69 -13.94
N ILE A 53 5.78 -10.64 -12.66
CA ILE A 53 6.59 -9.98 -11.66
C ILE A 53 8.07 -10.30 -11.87
N SER A 54 8.36 -11.56 -12.19
CA SER A 54 9.72 -12.01 -12.40
C SER A 54 10.51 -11.11 -13.35
N GLN A 55 9.84 -10.53 -14.34
CA GLN A 55 10.51 -9.65 -15.29
C GLN A 55 9.89 -8.27 -15.30
N ARG A 56 9.58 -7.78 -14.12
CA ARG A 56 8.95 -6.47 -13.94
C ARG A 56 9.93 -5.33 -13.58
N PHE A 57 11.14 -5.69 -13.11
CA PHE A 57 12.16 -4.72 -12.71
C PHE A 57 13.58 -5.04 -13.15
N ILE A 58 14.42 -4.01 -13.16
CA ILE A 58 15.85 -4.16 -13.43
C ILE A 58 16.52 -3.24 -12.42
N LEU A 59 17.73 -3.61 -12.00
CA LEU A 59 18.47 -2.84 -11.01
C LEU A 59 19.69 -2.09 -11.55
N VAL A 60 19.86 -0.84 -11.12
CA VAL A 60 21.03 -0.08 -11.53
C VAL A 60 21.86 0.14 -10.27
N GLU A 61 23.04 -0.48 -10.24
CA GLU A 61 23.93 -0.31 -9.12
C GLU A 61 24.76 0.92 -9.41
N LEU A 62 24.74 1.87 -8.50
CA LEU A 62 25.48 3.09 -8.72
C LEU A 62 26.58 3.25 -7.68
N SER A 63 27.80 3.49 -8.14
CA SER A 63 28.93 3.67 -7.24
C SER A 63 29.52 5.04 -7.46
N ASN A 64 30.35 5.51 -6.54
CA ASN A 64 30.97 6.80 -6.75
C ASN A 64 32.38 6.88 -6.21
N HIS A 65 32.96 8.08 -6.27
CA HIS A 65 34.33 8.33 -5.84
C HIS A 65 34.55 7.87 -4.42
N ALA A 66 33.54 8.11 -3.59
CA ALA A 66 33.57 7.72 -2.18
C ALA A 66 33.26 6.25 -2.01
N GLU A 67 33.51 5.45 -3.04
CA GLU A 67 33.27 4.02 -2.99
C GLU A 67 31.97 3.62 -2.32
N LEU A 68 30.89 4.31 -2.69
CA LEU A 68 29.56 4.04 -2.18
C LEU A 68 28.70 3.40 -3.25
N SER A 69 27.68 2.67 -2.83
CA SER A 69 26.79 2.04 -3.79
C SER A 69 25.34 1.97 -3.34
N VAL A 70 24.46 2.42 -4.22
CA VAL A 70 23.04 2.37 -4.00
C VAL A 70 22.50 1.63 -5.21
N THR A 71 21.33 1.04 -5.07
CA THR A 71 20.74 0.32 -6.17
C THR A 71 19.35 0.86 -6.39
N LEU A 72 19.14 1.52 -7.52
CA LEU A 72 17.82 2.05 -7.79
C LEU A 72 17.06 0.93 -8.48
N ALA A 73 15.77 0.85 -8.19
CA ALA A 73 14.93 -0.16 -8.83
C ALA A 73 14.13 0.57 -9.90
N LEU A 74 14.13 0.03 -11.11
CA LEU A 74 13.40 0.65 -12.19
C LEU A 74 12.32 -0.28 -12.75
N ASP A 75 11.18 0.33 -13.08
CA ASP A 75 10.04 -0.38 -13.64
C ASP A 75 10.27 -0.57 -15.14
N VAL A 76 10.44 -1.82 -15.57
CA VAL A 76 10.64 -2.13 -16.98
C VAL A 76 9.51 -1.49 -17.79
N THR A 77 8.40 -1.28 -17.11
CA THR A 77 7.20 -0.70 -17.68
C THR A 77 7.33 0.74 -18.14
N ASN A 78 8.11 1.53 -17.42
CA ASN A 78 8.30 2.93 -17.78
C ASN A 78 9.69 3.51 -17.51
N ALA A 79 10.66 2.64 -17.22
CA ALA A 79 12.06 3.03 -16.96
C ALA A 79 12.28 3.96 -15.77
N TYR A 80 11.24 4.15 -14.96
CA TYR A 80 11.31 5.04 -13.80
C TYR A 80 11.80 4.34 -12.55
N VAL A 81 12.38 5.10 -11.64
CA VAL A 81 12.88 4.56 -10.38
C VAL A 81 11.69 4.40 -9.46
N VAL A 82 11.49 3.20 -8.94
CA VAL A 82 10.36 2.94 -8.03
C VAL A 82 10.89 2.95 -6.60
N GLY A 83 12.14 2.55 -6.46
CA GLY A 83 12.75 2.51 -5.16
C GLY A 83 14.25 2.52 -5.24
N CYS A 84 14.88 2.45 -4.08
CA CYS A 84 16.32 2.48 -4.00
C CYS A 84 16.75 1.74 -2.76
N ARG A 85 17.88 1.06 -2.85
CA ARG A 85 18.42 0.34 -1.72
C ARG A 85 19.81 0.86 -1.39
N ALA A 86 19.96 1.44 -0.21
CA ALA A 86 21.24 2.00 0.22
C ALA A 86 21.91 1.12 1.26
N GLY A 87 22.67 0.13 0.79
CA GLY A 87 23.37 -0.76 1.68
C GLY A 87 22.45 -1.74 2.37
N ASN A 88 22.16 -1.48 3.64
CA ASN A 88 21.29 -2.35 4.43
C ASN A 88 20.01 -1.58 4.77
N SER A 89 19.61 -0.73 3.83
CA SER A 89 18.40 0.05 3.96
C SER A 89 17.75 -0.07 2.60
N ALA A 90 16.45 0.16 2.54
CA ALA A 90 15.73 0.08 1.26
C ALA A 90 14.42 0.85 1.39
N TYR A 91 14.28 1.89 0.60
CA TYR A 91 13.06 2.67 0.65
C TYR A 91 12.45 2.77 -0.74
N PHE A 92 11.13 2.84 -0.77
CA PHE A 92 10.41 2.93 -2.02
C PHE A 92 9.51 4.15 -2.04
N PHE A 93 9.05 4.53 -3.23
CA PHE A 93 8.15 5.66 -3.35
C PHE A 93 6.77 5.10 -3.07
N HIS A 94 5.80 5.98 -2.81
CA HIS A 94 4.46 5.48 -2.58
C HIS A 94 3.81 5.23 -3.93
N PRO A 95 3.52 3.94 -4.25
CA PRO A 95 2.89 3.51 -5.49
C PRO A 95 1.55 4.20 -5.76
N ASP A 96 1.24 4.37 -7.03
CA ASP A 96 -0.01 5.04 -7.40
C ASP A 96 -1.20 4.10 -7.49
N ASN A 97 -1.00 2.83 -7.17
CA ASN A 97 -2.09 1.86 -7.22
C ASN A 97 -1.74 0.54 -6.54
N GLN A 98 -2.79 -0.17 -6.12
CA GLN A 98 -2.65 -1.45 -5.46
C GLN A 98 -1.79 -2.39 -6.31
N GLU A 99 -1.94 -2.28 -7.62
CA GLU A 99 -1.22 -3.13 -8.58
C GLU A 99 0.30 -3.09 -8.42
N ASP A 100 0.85 -1.89 -8.48
CA ASP A 100 2.30 -1.68 -8.36
C ASP A 100 2.74 -1.87 -6.93
N ALA A 101 1.91 -1.36 -6.03
CA ALA A 101 2.17 -1.45 -4.60
C ALA A 101 2.60 -2.87 -4.24
N GLU A 102 1.93 -3.84 -4.86
CA GLU A 102 2.19 -5.26 -4.63
C GLU A 102 3.53 -5.64 -5.25
N ALA A 103 3.78 -5.15 -6.45
CA ALA A 103 5.00 -5.45 -7.16
C ALA A 103 6.30 -4.99 -6.46
N ILE A 104 6.32 -3.74 -5.99
CA ILE A 104 7.52 -3.19 -5.35
C ILE A 104 7.96 -3.95 -4.12
N THR A 105 7.05 -4.75 -3.60
CA THR A 105 7.33 -5.56 -2.41
C THR A 105 8.02 -6.86 -2.82
N HIS A 106 8.60 -6.88 -4.01
CA HIS A 106 9.31 -8.05 -4.51
C HIS A 106 10.73 -7.63 -4.72
N LEU A 107 10.98 -6.36 -4.48
CA LEU A 107 12.29 -5.80 -4.71
C LEU A 107 13.42 -6.14 -3.75
N PHE A 108 13.56 -5.39 -2.67
CA PHE A 108 14.63 -5.65 -1.75
C PHE A 108 14.01 -6.32 -0.54
N THR A 109 13.88 -7.62 -0.65
CA THR A 109 13.24 -8.43 0.37
C THR A 109 14.10 -8.88 1.54
N ASP A 110 15.37 -9.19 1.29
CA ASP A 110 16.23 -9.62 2.39
C ASP A 110 16.65 -8.44 3.27
N VAL A 111 16.23 -7.23 2.89
CA VAL A 111 16.55 -6.01 3.62
C VAL A 111 15.51 -5.70 4.71
N GLN A 112 15.91 -5.82 5.97
CA GLN A 112 15.01 -5.57 7.10
C GLN A 112 14.44 -4.14 7.16
N ASN A 113 15.33 -3.15 7.09
CA ASN A 113 14.90 -1.75 7.16
C ASN A 113 14.35 -1.25 5.84
N SER A 114 13.59 -2.10 5.15
CA SER A 114 12.97 -1.70 3.91
C SER A 114 11.60 -1.16 4.29
N PHE A 115 11.26 -0.02 3.72
CA PHE A 115 10.00 0.66 3.98
C PHE A 115 9.70 1.55 2.80
N THR A 116 8.50 2.13 2.77
CA THR A 116 8.15 3.04 1.68
C THR A 116 7.53 4.33 2.21
N PHE A 117 7.86 5.44 1.55
CA PHE A 117 7.37 6.74 1.97
C PHE A 117 5.91 6.92 1.68
N ALA A 118 5.38 8.04 2.12
CA ALA A 118 3.98 8.37 1.91
C ALA A 118 3.83 9.12 0.61
N PHE A 119 4.95 9.62 0.10
CA PHE A 119 4.90 10.35 -1.15
C PHE A 119 5.37 9.46 -2.31
N GLY A 120 4.85 9.76 -3.51
CA GLY A 120 5.21 9.01 -4.69
C GLY A 120 6.41 9.65 -5.36
N GLY A 121 6.98 8.95 -6.35
CA GLY A 121 8.16 9.43 -7.04
C GLY A 121 7.98 10.32 -8.25
N ASN A 122 6.78 10.81 -8.50
CA ASN A 122 6.58 11.68 -9.65
C ASN A 122 7.16 13.04 -9.38
N TYR A 123 7.53 13.74 -10.45
CA TYR A 123 8.11 15.07 -10.29
C TYR A 123 7.22 16.00 -9.50
N ASP A 124 5.92 15.95 -9.75
CA ASP A 124 5.00 16.81 -9.05
C ASP A 124 5.32 16.79 -7.55
N ARG A 125 5.36 15.57 -6.99
CA ARG A 125 5.67 15.38 -5.57
C ARG A 125 7.10 15.74 -5.24
N LEU A 126 8.05 15.10 -5.93
CA LEU A 126 9.47 15.33 -5.72
C LEU A 126 9.91 16.79 -5.79
N GLU A 127 9.19 17.58 -6.59
CA GLU A 127 9.49 19.00 -6.74
C GLU A 127 8.90 19.78 -5.57
N GLN A 128 7.83 19.23 -4.99
CA GLN A 128 7.18 19.84 -3.84
C GLN A 128 8.16 19.68 -2.68
N LEU A 129 8.64 18.44 -2.53
CA LEU A 129 9.58 18.08 -1.48
C LEU A 129 10.93 18.77 -1.66
N GLY A 130 11.49 18.69 -2.85
CA GLY A 130 12.81 19.27 -3.08
C GLY A 130 13.01 20.48 -3.98
N GLY A 131 11.99 20.92 -4.70
CA GLY A 131 12.17 22.08 -5.57
C GLY A 131 12.08 21.73 -7.05
N LEU A 132 12.02 22.76 -7.88
CA LEU A 132 11.90 22.63 -9.33
C LEU A 132 13.06 21.95 -10.04
N ARG A 133 12.73 21.08 -10.99
CA ARG A 133 13.75 20.38 -11.75
C ARG A 133 14.62 21.41 -12.42
N GLU A 134 14.00 22.50 -12.83
CA GLU A 134 14.69 23.57 -13.51
C GLU A 134 15.73 24.26 -12.64
N ASN A 135 15.81 23.85 -11.38
CA ASN A 135 16.78 24.44 -10.45
C ASN A 135 17.71 23.41 -9.85
N ILE A 136 17.59 22.17 -10.29
CA ILE A 136 18.41 21.08 -9.77
C ILE A 136 19.49 20.68 -10.74
N GLU A 137 20.73 21.02 -10.41
CA GLU A 137 21.85 20.71 -11.26
C GLU A 137 22.08 19.25 -11.60
N LEU A 138 22.43 19.00 -12.85
CA LEU A 138 22.70 17.65 -13.30
C LEU A 138 24.14 17.57 -13.82
N GLY A 139 24.72 16.37 -13.74
CA GLY A 139 26.08 16.17 -14.19
C GLY A 139 26.71 15.14 -13.28
N THR A 140 27.92 14.70 -13.60
CA THR A 140 28.60 13.71 -12.78
C THR A 140 28.67 14.18 -11.33
N GLY A 141 28.86 15.48 -11.13
CA GLY A 141 28.93 16.01 -9.79
C GLY A 141 27.70 15.71 -8.97
N PRO A 142 26.53 16.23 -9.36
CA PRO A 142 25.31 15.95 -8.59
C PRO A 142 25.08 14.46 -8.39
N LEU A 143 25.13 13.68 -9.46
CA LEU A 143 24.93 12.25 -9.33
C LEU A 143 25.88 11.62 -8.31
N GLU A 144 27.11 12.12 -8.24
CA GLU A 144 28.09 11.60 -7.27
C GLU A 144 27.56 11.78 -5.84
N ASP A 145 27.07 12.98 -5.57
CA ASP A 145 26.52 13.39 -4.28
C ASP A 145 25.13 12.82 -4.02
N ALA A 146 24.34 12.75 -5.07
CA ALA A 146 22.99 12.21 -4.98
C ALA A 146 23.13 10.79 -4.48
N ILE A 147 24.15 10.09 -4.96
CA ILE A 147 24.42 8.71 -4.56
C ILE A 147 24.81 8.62 -3.09
N SER A 148 25.60 9.58 -2.63
CA SER A 148 26.03 9.63 -1.23
C SER A 148 24.82 9.85 -0.34
N ALA A 149 24.06 10.91 -0.66
CA ALA A 149 22.85 11.24 0.07
C ALA A 149 22.01 9.97 0.22
N LEU A 150 21.59 9.42 -0.92
CA LEU A 150 20.81 8.20 -0.95
C LEU A 150 21.43 7.18 0.00
N TYR A 151 22.74 7.04 -0.04
CA TYR A 151 23.42 6.08 0.82
C TYR A 151 23.24 6.33 2.31
N TYR A 152 23.42 7.58 2.72
CA TYR A 152 23.33 7.95 4.12
C TYR A 152 21.99 8.44 4.61
N TYR A 153 20.93 8.22 3.84
CA TYR A 153 19.62 8.68 4.29
C TYR A 153 19.21 7.88 5.54
N SER A 154 19.40 6.57 5.49
CA SER A 154 19.05 5.70 6.60
C SER A 154 19.82 6.03 7.88
N THR A 155 20.87 6.83 7.77
CA THR A 155 21.68 7.20 8.93
C THR A 155 21.59 8.70 9.22
N CYS A 156 20.43 9.27 8.92
CA CYS A 156 20.11 10.67 9.15
C CYS A 156 21.11 11.61 8.52
N GLY A 157 21.73 11.14 7.46
CA GLY A 157 22.68 11.96 6.76
C GLY A 157 21.99 12.83 5.74
N THR A 158 20.83 12.38 5.29
CA THR A 158 20.07 13.07 4.27
C THR A 158 18.67 13.54 4.62
N GLN A 159 18.43 14.81 4.37
CA GLN A 159 17.14 15.46 4.57
C GLN A 159 16.24 14.98 3.42
N ILE A 160 14.93 14.99 3.65
CA ILE A 160 13.98 14.57 2.64
C ILE A 160 14.08 15.44 1.38
N PRO A 161 14.05 16.77 1.53
CA PRO A 161 14.14 17.64 0.35
C PRO A 161 15.37 17.31 -0.47
N THR A 162 16.39 16.86 0.24
CA THR A 162 17.66 16.48 -0.36
C THR A 162 17.55 15.09 -0.97
N LEU A 163 16.81 14.22 -0.30
CA LEU A 163 16.60 12.86 -0.78
C LEU A 163 15.85 12.97 -2.09
N ALA A 164 14.90 13.90 -2.09
CA ALA A 164 14.05 14.17 -3.24
C ALA A 164 14.95 14.52 -4.40
N ARG A 165 15.74 15.57 -4.21
CA ARG A 165 16.67 16.01 -5.22
C ARG A 165 17.58 14.86 -5.63
N SER A 166 18.19 14.20 -4.67
CA SER A 166 19.06 13.09 -5.02
C SER A 166 18.33 12.15 -5.98
N PHE A 167 17.04 11.95 -5.76
CA PHE A 167 16.28 11.05 -6.62
C PHE A 167 16.08 11.60 -8.03
N MET A 168 15.59 12.83 -8.10
CA MET A 168 15.36 13.44 -9.38
C MET A 168 16.58 13.44 -10.28
N VAL A 169 17.76 13.72 -9.74
CA VAL A 169 18.93 13.74 -10.60
C VAL A 169 19.21 12.35 -11.13
N CYS A 170 19.01 11.33 -10.31
CA CYS A 170 19.23 9.96 -10.76
C CYS A 170 18.21 9.58 -11.82
N ILE A 171 16.98 9.99 -11.58
CA ILE A 171 15.89 9.70 -12.48
C ILE A 171 16.15 10.35 -13.82
N GLN A 172 16.48 11.63 -13.82
CA GLN A 172 16.75 12.33 -15.07
C GLN A 172 18.01 11.75 -15.71
N MET A 173 19.12 11.74 -14.97
CA MET A 173 20.35 11.20 -15.52
C MET A 173 20.26 9.74 -15.91
N ILE A 174 19.26 9.01 -15.44
CA ILE A 174 19.16 7.60 -15.78
C ILE A 174 17.88 7.23 -16.55
N SER A 175 16.74 7.37 -15.89
CA SER A 175 15.46 7.05 -16.51
C SER A 175 15.15 7.91 -17.72
N GLU A 176 15.19 9.22 -17.55
CA GLU A 176 14.88 10.12 -18.66
C GLU A 176 15.98 10.11 -19.74
N ALA A 177 17.17 9.60 -19.40
CA ALA A 177 18.24 9.53 -20.38
C ALA A 177 17.97 8.28 -21.21
N ALA A 178 17.55 7.22 -20.54
CA ALA A 178 17.22 5.95 -21.17
C ALA A 178 16.03 6.15 -22.10
N ARG A 179 15.10 7.00 -21.67
CA ARG A 179 13.90 7.28 -22.45
C ARG A 179 14.21 8.10 -23.67
N PHE A 180 15.01 9.15 -23.50
CA PHE A 180 15.38 10.06 -24.60
C PHE A 180 16.87 10.17 -24.88
N GLN A 181 17.27 9.83 -26.10
CA GLN A 181 18.68 9.94 -26.46
C GLN A 181 19.07 11.42 -26.45
N TYR A 182 18.08 12.29 -26.38
CA TYR A 182 18.34 13.72 -26.36
C TYR A 182 18.82 14.09 -24.97
N ILE A 183 18.27 13.41 -23.97
CA ILE A 183 18.63 13.70 -22.59
C ILE A 183 19.96 13.03 -22.29
N GLU A 184 20.12 11.83 -22.82
CA GLU A 184 21.35 11.12 -22.64
C GLU A 184 22.41 12.03 -23.28
N GLY A 185 22.12 12.48 -24.49
CA GLY A 185 23.05 13.33 -25.19
C GLY A 185 23.44 14.48 -24.31
N GLU A 186 22.43 15.14 -23.75
CA GLU A 186 22.63 16.27 -22.87
C GLU A 186 23.52 15.93 -21.67
N MET A 187 23.39 14.71 -21.16
CA MET A 187 24.21 14.31 -20.03
C MET A 187 25.64 14.16 -20.51
N ARG A 188 25.81 13.47 -21.63
CA ARG A 188 27.14 13.26 -22.19
C ARG A 188 27.95 14.55 -22.22
N THR A 189 27.35 15.63 -22.71
CA THR A 189 28.06 16.89 -22.80
C THR A 189 28.52 17.38 -21.43
N ARG A 190 27.67 17.22 -20.42
CA ARG A 190 27.99 17.62 -19.05
C ARG A 190 29.19 16.82 -18.54
N ILE A 191 29.06 15.50 -18.63
CA ILE A 191 30.10 14.58 -18.23
C ILE A 191 31.39 14.90 -18.97
N ARG A 192 31.22 15.09 -20.27
CA ARG A 192 32.30 15.41 -21.18
C ARG A 192 33.18 16.47 -20.57
N TYR A 193 32.55 17.60 -20.24
CA TYR A 193 33.23 18.76 -19.68
C TYR A 193 33.16 18.98 -18.20
N ASN A 194 32.78 17.98 -17.43
CA ASN A 194 32.70 18.15 -15.99
C ASN A 194 31.98 19.45 -15.67
N ARG A 195 30.94 19.75 -16.45
CA ARG A 195 30.18 20.97 -16.24
C ARG A 195 28.78 20.56 -15.83
N ARG A 196 28.47 20.70 -14.54
CA ARG A 196 27.16 20.37 -14.01
C ARG A 196 26.20 21.50 -14.33
N SER A 197 24.93 21.16 -14.57
CA SER A 197 23.95 22.18 -14.89
C SER A 197 22.52 21.68 -14.76
N ALA A 198 21.58 22.63 -14.74
CA ALA A 198 20.16 22.30 -14.59
C ALA A 198 19.51 22.00 -15.95
N PRO A 199 18.45 21.19 -15.93
CA PRO A 199 17.76 20.83 -17.17
C PRO A 199 17.16 22.08 -17.78
N ASP A 200 17.34 22.26 -19.08
CA ASP A 200 16.76 23.43 -19.74
C ASP A 200 15.35 23.08 -20.24
N PRO A 201 14.59 24.09 -20.65
CA PRO A 201 13.22 23.87 -21.14
C PRO A 201 13.05 22.60 -21.97
N SER A 202 13.87 22.46 -23.01
CA SER A 202 13.78 21.31 -23.91
C SER A 202 13.83 19.98 -23.17
N VAL A 203 14.69 19.90 -22.16
CA VAL A 203 14.81 18.67 -21.41
C VAL A 203 13.61 18.42 -20.53
N ILE A 204 13.21 19.43 -19.78
CA ILE A 204 12.07 19.31 -18.88
C ILE A 204 10.81 18.99 -19.65
N THR A 205 10.52 19.78 -20.68
CA THR A 205 9.33 19.58 -21.50
C THR A 205 9.29 18.16 -22.10
N LEU A 206 10.46 17.62 -22.40
CA LEU A 206 10.53 16.27 -22.96
C LEU A 206 10.08 15.26 -21.92
N GLU A 207 10.64 15.36 -20.71
CA GLU A 207 10.30 14.45 -19.62
C GLU A 207 8.80 14.53 -19.39
N ASN A 208 8.30 15.74 -19.46
CA ASN A 208 6.89 16.03 -19.26
C ASN A 208 6.04 15.48 -20.40
N SER A 209 6.60 15.33 -21.59
CA SER A 209 5.81 14.85 -22.72
C SER A 209 5.97 13.38 -23.05
N TRP A 210 6.85 12.70 -22.34
CA TRP A 210 7.08 11.28 -22.63
C TRP A 210 5.79 10.48 -22.79
N GLY A 211 4.83 10.72 -21.90
CA GLY A 211 3.58 10.00 -21.97
C GLY A 211 2.79 10.38 -23.21
N ARG A 212 2.69 11.68 -23.47
CA ARG A 212 1.94 12.12 -24.63
C ARG A 212 2.57 11.60 -25.92
N LEU A 213 3.89 11.69 -26.00
CA LEU A 213 4.62 11.23 -27.16
C LEU A 213 4.43 9.75 -27.39
N SER A 214 4.64 8.96 -26.35
CA SER A 214 4.48 7.52 -26.49
C SER A 214 3.15 7.24 -27.17
N THR A 215 2.16 8.03 -26.82
CA THR A 215 0.83 7.85 -27.35
C THR A 215 0.65 8.37 -28.77
N ALA A 216 0.91 9.66 -28.98
CA ALA A 216 0.78 10.26 -30.29
C ALA A 216 1.35 9.32 -31.32
N ILE A 217 2.59 8.94 -31.07
CA ILE A 217 3.36 8.06 -31.93
C ILE A 217 2.76 6.68 -32.19
N GLN A 218 2.23 6.06 -31.15
CA GLN A 218 1.66 4.72 -31.30
C GLN A 218 0.29 4.75 -31.95
N GLU A 219 -0.33 5.92 -31.97
CA GLU A 219 -1.64 6.06 -32.57
C GLU A 219 -1.53 6.90 -33.81
N SER A 220 -0.37 6.83 -34.45
CA SER A 220 -0.15 7.59 -35.67
C SER A 220 -0.80 6.82 -36.79
N ASN A 221 -1.02 7.48 -37.92
CA ASN A 221 -1.61 6.79 -39.04
C ASN A 221 -0.49 6.19 -39.85
N GLN A 222 0.53 7.00 -40.02
CA GLN A 222 1.73 6.63 -40.76
C GLN A 222 2.77 7.63 -40.39
N GLY A 223 3.04 7.72 -39.10
CA GLY A 223 4.01 8.67 -38.61
C GLY A 223 3.38 10.04 -38.46
N ALA A 224 2.13 10.14 -38.90
CA ALA A 224 1.35 11.35 -38.84
C ALA A 224 0.54 11.37 -37.54
N PHE A 225 0.65 12.48 -36.81
CA PHE A 225 -0.08 12.65 -35.56
C PHE A 225 -1.53 13.12 -35.77
N ALA A 226 -2.44 12.58 -34.96
CA ALA A 226 -3.86 12.97 -35.02
C ALA A 226 -3.93 14.45 -34.61
N SER A 227 -3.13 14.80 -33.61
CA SER A 227 -3.04 16.17 -33.10
C SER A 227 -1.59 16.47 -32.74
N PRO A 228 -1.21 17.75 -32.72
CA PRO A 228 0.15 18.16 -32.40
C PRO A 228 0.62 18.01 -30.96
N ILE A 229 1.89 17.66 -30.80
CA ILE A 229 2.52 17.54 -29.49
C ILE A 229 3.38 18.80 -29.42
N GLN A 230 3.25 19.57 -28.37
CA GLN A 230 4.04 20.78 -28.29
C GLN A 230 5.28 20.54 -27.47
N LEU A 231 6.39 21.10 -27.94
CA LEU A 231 7.68 20.97 -27.29
C LEU A 231 8.31 22.36 -27.22
N GLN A 232 9.52 22.43 -26.69
CA GLN A 232 10.24 23.69 -26.56
C GLN A 232 11.72 23.54 -26.87
N ARG A 233 12.31 24.64 -27.36
CA ARG A 233 13.72 24.67 -27.69
C ARG A 233 14.42 25.07 -26.39
N ARG A 234 15.74 24.90 -26.35
CA ARG A 234 16.49 25.23 -25.14
C ARG A 234 16.19 26.65 -24.64
N ASN A 235 15.80 27.54 -25.55
CA ASN A 235 15.49 28.93 -25.22
C ASN A 235 14.06 29.12 -24.72
N GLY A 236 13.35 28.03 -24.43
CA GLY A 236 12.00 28.15 -23.94
C GLY A 236 10.89 28.20 -24.99
N SER A 237 11.19 28.76 -26.16
CA SER A 237 10.19 28.84 -27.23
C SER A 237 9.59 27.48 -27.57
N LYS A 238 8.27 27.43 -27.69
CA LYS A 238 7.58 26.19 -27.99
C LYS A 238 7.32 26.00 -29.48
N PHE A 239 7.22 24.74 -29.89
CA PHE A 239 6.95 24.43 -31.28
C PHE A 239 6.10 23.18 -31.35
N ASN A 240 5.42 22.98 -32.48
CA ASN A 240 4.59 21.82 -32.67
C ASN A 240 5.30 20.74 -33.43
N VAL A 241 4.81 19.51 -33.26
CA VAL A 241 5.37 18.36 -33.91
C VAL A 241 4.20 17.53 -34.37
N TYR A 242 3.97 17.47 -35.67
CA TYR A 242 2.87 16.69 -36.18
C TYR A 242 3.40 15.38 -36.74
N ASP A 243 4.72 15.28 -36.82
CA ASP A 243 5.36 14.10 -37.37
C ASP A 243 6.41 13.45 -36.48
N VAL A 244 6.41 12.13 -36.54
CA VAL A 244 7.32 11.27 -35.78
C VAL A 244 8.78 11.36 -36.23
N SER A 245 8.98 11.47 -37.53
CA SER A 245 10.32 11.53 -38.10
C SER A 245 11.25 12.38 -37.27
N ILE A 246 10.81 13.57 -36.96
CA ILE A 246 11.57 14.51 -36.17
C ILE A 246 11.96 13.96 -34.79
N LEU A 247 11.17 13.03 -34.25
CA LEU A 247 11.41 12.47 -32.92
C LEU A 247 12.20 11.18 -32.84
N ILE A 248 12.24 10.44 -33.94
CA ILE A 248 12.97 9.18 -33.99
C ILE A 248 14.33 9.26 -33.30
N PRO A 249 15.09 10.34 -33.55
CA PRO A 249 16.42 10.55 -32.96
C PRO A 249 16.41 11.19 -31.56
N ILE A 250 15.23 11.53 -31.07
CA ILE A 250 15.05 12.16 -29.78
C ILE A 250 14.67 11.15 -28.73
N ILE A 251 13.56 10.46 -28.95
CA ILE A 251 13.05 9.49 -28.01
C ILE A 251 13.56 8.09 -28.34
N ALA A 252 13.92 7.35 -27.30
CA ALA A 252 14.46 6.00 -27.43
C ALA A 252 13.58 4.91 -26.83
N LEU A 253 12.64 5.31 -25.99
CA LEU A 253 11.75 4.34 -25.37
C LEU A 253 10.37 4.91 -25.27
N MET A 254 9.37 4.05 -25.38
CA MET A 254 8.00 4.49 -25.26
C MET A 254 7.26 3.53 -24.37
N VAL A 255 6.33 4.07 -23.60
CA VAL A 255 5.54 3.20 -22.73
C VAL A 255 4.48 2.55 -23.59
N TYR A 256 4.25 1.25 -23.37
CA TYR A 256 3.24 0.52 -24.13
C TYR A 256 1.88 1.22 -23.96
N ARG A 257 1.22 1.56 -25.07
CA ARG A 257 -0.08 2.23 -24.99
C ARG A 257 -1.24 1.48 -25.65
N CYS A 258 -0.91 0.55 -26.54
CA CYS A 258 -1.92 -0.22 -27.25
C CYS A 258 -1.22 -1.26 -28.10
N ALA A 259 -1.95 -2.29 -28.50
CA ALA A 259 -1.38 -3.36 -29.32
C ALA A 259 -1.32 -2.95 -30.79
N PRO A 260 -0.19 -3.27 -31.46
CA PRO A 260 -0.06 -2.92 -32.87
C PRO A 260 -1.13 -3.66 -33.66
N PRO A 261 -1.66 -3.04 -34.73
CA PRO A 261 -2.68 -3.70 -35.53
C PRO A 261 -2.07 -4.84 -36.36
N PRO A 262 -2.59 -6.07 -36.21
CA PRO A 262 -2.09 -7.25 -36.94
C PRO A 262 -2.39 -7.24 -38.43
N ALA B 1 -5.22 -8.15 -26.52
CA ALA B 1 -4.49 -7.08 -27.17
C ALA B 1 -5.43 -6.02 -27.76
N ASP B 2 -5.63 -4.92 -27.03
CA ASP B 2 -6.52 -3.86 -27.49
C ASP B 2 -5.77 -2.98 -28.49
N VAL B 3 -6.04 -3.23 -29.77
CA VAL B 3 -5.41 -2.52 -30.88
C VAL B 3 -5.45 -1.00 -30.78
N CYS B 4 -4.50 -0.35 -31.44
CA CYS B 4 -4.40 1.10 -31.45
C CYS B 4 -5.49 1.68 -32.34
N MET B 5 -5.30 2.91 -32.78
CA MET B 5 -6.28 3.57 -33.64
C MET B 5 -5.61 4.29 -34.81
N ASP B 6 -6.34 4.37 -35.92
CA ASP B 6 -5.88 5.07 -37.12
C ASP B 6 -6.67 6.36 -37.20
N PRO B 7 -6.13 7.43 -36.61
CA PRO B 7 -6.70 8.78 -36.55
C PRO B 7 -6.98 9.54 -37.84
N GLU B 8 -6.53 9.01 -38.98
CA GLU B 8 -6.73 9.68 -40.27
C GLU B 8 -6.50 11.19 -40.17
N PRO B 9 -5.28 11.61 -39.81
CA PRO B 9 -4.95 13.04 -39.67
C PRO B 9 -5.03 13.84 -40.97
N ILE B 10 -5.27 15.15 -40.85
CA ILE B 10 -5.35 16.05 -42.00
C ILE B 10 -4.10 16.91 -41.94
N VAL B 11 -3.16 16.63 -42.82
CA VAL B 11 -1.91 17.37 -42.84
C VAL B 11 -1.55 17.85 -44.23
N ARG B 12 -0.52 18.68 -44.29
CA ARG B 12 0.00 19.17 -45.55
C ARG B 12 1.04 18.11 -45.87
N ILE B 13 1.75 18.29 -46.97
CA ILE B 13 2.81 17.35 -47.31
C ILE B 13 3.90 18.17 -47.96
N VAL B 14 4.96 18.36 -47.19
CA VAL B 14 6.09 19.16 -47.61
C VAL B 14 7.17 18.29 -48.23
N GLY B 15 7.76 18.81 -49.31
CA GLY B 15 8.78 18.07 -50.01
C GLY B 15 9.91 18.97 -50.44
N ARG B 16 10.48 18.65 -51.59
CA ARG B 16 11.61 19.38 -52.15
C ARG B 16 11.58 20.90 -51.95
N ASN B 17 12.68 21.45 -51.47
CA ASN B 17 12.77 22.89 -51.22
C ASN B 17 11.68 23.33 -50.24
N GLY B 18 11.02 22.36 -49.63
CA GLY B 18 9.97 22.67 -48.67
C GLY B 18 8.72 23.31 -49.26
N LEU B 19 8.34 22.84 -50.44
CA LEU B 19 7.14 23.34 -51.10
C LEU B 19 6.10 22.30 -50.74
N CYS B 20 4.81 22.61 -50.94
CA CYS B 20 3.78 21.66 -50.56
C CYS B 20 3.13 20.91 -51.69
N VAL B 21 2.58 19.74 -51.34
CA VAL B 21 1.86 18.89 -52.29
C VAL B 21 0.53 19.62 -52.45
N ASP B 22 0.41 20.24 -53.63
CA ASP B 22 -0.71 21.08 -54.03
C ASP B 22 -1.50 20.58 -55.25
N VAL B 23 -2.81 20.75 -55.21
CA VAL B 23 -3.70 20.38 -56.31
C VAL B 23 -3.81 21.63 -57.20
N THR B 24 -3.15 21.58 -58.35
CA THR B 24 -3.09 22.71 -59.26
C THR B 24 -4.37 23.49 -59.55
N GLY B 25 -4.26 24.81 -59.42
CA GLY B 25 -5.37 25.71 -59.65
C GLY B 25 -6.65 25.32 -58.96
N GLU B 26 -6.52 24.61 -57.84
CA GLU B 26 -7.68 24.17 -57.08
C GLU B 26 -8.76 23.45 -57.87
N GLU B 27 -8.45 23.01 -59.09
CA GLU B 27 -9.42 22.28 -59.90
C GLU B 27 -9.38 20.83 -59.39
N PHE B 28 -10.56 20.23 -59.15
CA PHE B 28 -10.60 18.86 -58.65
C PHE B 28 -11.18 17.91 -59.68
N PHE B 29 -10.87 18.12 -60.95
CA PHE B 29 -11.36 17.25 -62.03
C PHE B 29 -10.41 16.10 -62.26
N ASP B 30 -10.95 14.88 -62.18
CA ASP B 30 -10.17 13.68 -62.38
C ASP B 30 -9.06 13.95 -63.42
N GLY B 31 -7.81 13.81 -63.00
CA GLY B 31 -6.70 14.05 -63.91
C GLY B 31 -5.94 15.33 -63.67
N ASN B 32 -6.51 16.27 -62.91
CA ASN B 32 -5.77 17.51 -62.66
C ASN B 32 -4.52 17.09 -61.90
N PRO B 33 -3.35 17.44 -62.44
CA PRO B 33 -2.02 17.13 -61.89
C PRO B 33 -1.72 17.74 -60.53
N ILE B 34 -1.09 16.96 -59.64
CA ILE B 34 -0.70 17.45 -58.33
C ILE B 34 0.69 18.05 -58.55
N GLN B 35 0.95 19.18 -57.92
CA GLN B 35 2.23 19.86 -58.11
C GLN B 35 2.89 20.19 -56.78
N LEU B 36 3.92 21.03 -56.85
CA LEU B 36 4.63 21.50 -55.67
C LEU B 36 4.31 22.97 -55.66
N TRP B 37 3.73 23.45 -54.57
CA TRP B 37 3.40 24.86 -54.49
C TRP B 37 3.79 25.36 -53.11
N PRO B 38 4.37 26.58 -53.03
CA PRO B 38 4.78 27.14 -51.74
C PRO B 38 3.67 26.88 -50.75
N CYS B 39 4.01 26.43 -49.57
CA CYS B 39 2.98 26.09 -48.60
C CYS B 39 2.07 27.22 -48.15
N LYS B 40 0.77 26.91 -48.05
CA LYS B 40 -0.27 27.85 -47.64
C LYS B 40 -0.36 27.89 -46.11
N SER B 41 -0.82 29.03 -45.58
CA SER B 41 -0.97 29.17 -44.15
C SER B 41 -2.46 29.18 -43.81
N ASN B 42 -3.27 29.40 -44.83
CA ASN B 42 -4.73 29.43 -44.66
C ASN B 42 -5.25 28.00 -44.64
N THR B 43 -6.56 27.81 -44.87
CA THR B 43 -7.14 26.48 -44.82
C THR B 43 -7.63 25.89 -46.15
N ASP B 44 -7.08 26.37 -47.27
CA ASP B 44 -7.48 25.88 -48.59
C ASP B 44 -7.30 24.38 -48.68
N TRP B 45 -8.31 23.69 -49.16
CA TRP B 45 -8.27 22.24 -49.25
C TRP B 45 -7.32 21.61 -50.27
N ASN B 46 -6.91 22.37 -51.28
CA ASN B 46 -6.01 21.83 -52.29
C ASN B 46 -4.62 21.54 -51.73
N GLN B 47 -4.37 21.95 -50.48
CA GLN B 47 -3.08 21.71 -49.82
C GLN B 47 -3.23 20.92 -48.52
N LEU B 48 -4.39 20.32 -48.31
CA LEU B 48 -4.66 19.55 -47.10
C LEU B 48 -5.07 18.14 -47.43
N TRP B 49 -4.26 17.19 -46.98
CA TRP B 49 -4.51 15.80 -47.26
C TRP B 49 -4.85 15.01 -46.04
N THR B 50 -5.87 14.18 -46.19
CA THR B 50 -6.34 13.31 -45.13
C THR B 50 -5.76 11.93 -45.39
N LEU B 51 -5.10 11.40 -44.37
CA LEU B 51 -4.48 10.09 -44.47
C LEU B 51 -5.46 9.04 -43.97
N ARG B 52 -6.55 8.86 -44.71
CA ARG B 52 -7.57 7.88 -44.32
C ARG B 52 -6.96 6.51 -44.13
N LYS B 53 -7.61 5.70 -43.29
CA LYS B 53 -7.11 4.37 -42.98
C LYS B 53 -7.20 3.33 -44.08
N ASP B 54 -7.39 3.79 -45.31
CA ASP B 54 -7.45 2.89 -46.48
C ASP B 54 -6.21 3.10 -47.37
N SER B 55 -5.21 3.76 -46.80
CA SER B 55 -3.96 4.04 -47.49
C SER B 55 -4.08 5.11 -48.55
N THR B 56 -5.22 5.80 -48.63
CA THR B 56 -5.37 6.86 -49.63
C THR B 56 -5.01 8.19 -48.99
N ILE B 57 -4.59 9.13 -49.83
CA ILE B 57 -4.20 10.43 -49.33
C ILE B 57 -5.14 11.43 -49.98
N ARG B 58 -6.39 11.39 -49.55
CA ARG B 58 -7.42 12.23 -50.10
C ARG B 58 -7.35 13.69 -49.70
N SER B 59 -7.72 14.52 -50.66
CA SER B 59 -7.78 15.96 -50.48
C SER B 59 -9.13 16.32 -51.08
N ASN B 60 -10.13 16.46 -50.23
CA ASN B 60 -11.47 16.80 -50.70
C ASN B 60 -12.06 15.58 -51.42
N GLY B 61 -12.07 14.45 -50.73
CA GLY B 61 -12.63 13.23 -51.29
C GLY B 61 -11.87 12.65 -52.47
N LYS B 62 -11.05 13.47 -53.10
CA LYS B 62 -10.27 13.06 -54.26
C LYS B 62 -8.90 12.50 -53.88
N CYS B 63 -8.56 11.37 -54.49
CA CYS B 63 -7.32 10.64 -54.24
C CYS B 63 -6.02 11.02 -54.93
N LEU B 64 -4.94 11.01 -54.16
CA LEU B 64 -3.64 11.28 -54.73
C LEU B 64 -3.54 10.04 -55.59
N THR B 65 -3.48 10.21 -56.90
CA THR B 65 -3.44 9.07 -57.81
C THR B 65 -2.37 9.14 -58.87
N ILE B 66 -2.01 7.97 -59.38
CA ILE B 66 -1.01 7.86 -60.43
C ILE B 66 -1.77 7.76 -61.74
N SER B 67 -1.58 8.77 -62.57
CA SER B 67 -2.25 8.87 -63.86
C SER B 67 -1.69 7.91 -64.89
N LYS B 68 -2.61 7.14 -65.46
CA LYS B 68 -2.29 6.17 -66.48
C LYS B 68 -2.16 6.91 -67.83
N SER B 69 -2.12 8.24 -67.77
CA SER B 69 -2.04 9.10 -68.94
C SER B 69 -0.75 9.07 -69.76
N SER B 70 -0.86 8.70 -71.02
CA SER B 70 0.23 8.70 -72.02
C SER B 70 1.66 8.45 -71.60
N PRO B 71 2.50 9.52 -71.41
CA PRO B 71 3.84 9.06 -71.02
C PRO B 71 3.81 8.20 -69.76
N ARG B 72 2.96 8.65 -68.83
CA ARG B 72 2.69 8.03 -67.52
C ARG B 72 3.61 8.49 -66.39
N GLN B 73 3.52 7.83 -65.23
CA GLN B 73 4.33 8.17 -64.07
C GLN B 73 3.96 9.55 -63.57
N GLN B 74 2.80 10.03 -64.02
CA GLN B 74 2.32 11.33 -63.62
C GLN B 74 1.42 11.12 -62.42
N VAL B 75 1.41 12.12 -61.53
CA VAL B 75 0.56 12.04 -60.34
C VAL B 75 -0.49 13.14 -60.45
N VAL B 76 -1.74 12.73 -60.23
CA VAL B 76 -2.87 13.65 -60.34
C VAL B 76 -3.98 13.30 -59.36
N ILE B 77 -4.90 14.25 -59.18
CA ILE B 77 -6.02 14.03 -58.29
C ILE B 77 -7.04 13.24 -59.11
N TYR B 78 -7.79 12.36 -58.46
CA TYR B 78 -8.75 11.53 -59.21
C TYR B 78 -9.82 10.91 -58.31
N ASN B 79 -11.06 10.80 -58.82
CA ASN B 79 -12.13 10.20 -58.04
C ASN B 79 -11.61 8.90 -57.43
N CYS B 80 -11.76 8.76 -56.12
CA CYS B 80 -11.27 7.58 -55.42
C CYS B 80 -11.86 6.22 -55.79
N SER B 81 -13.10 6.21 -56.29
CA SER B 81 -13.75 4.95 -56.69
C SER B 81 -13.60 4.76 -58.19
N THR B 82 -13.53 5.88 -58.90
CA THR B 82 -13.35 5.87 -60.35
C THR B 82 -11.98 5.27 -60.66
N ALA B 83 -10.96 5.81 -59.99
CA ALA B 83 -9.58 5.37 -60.19
C ALA B 83 -9.31 3.92 -59.85
N THR B 84 -8.26 3.37 -60.48
CA THR B 84 -7.81 2.00 -60.24
C THR B 84 -7.36 2.03 -58.78
N VAL B 85 -8.04 1.30 -57.90
CA VAL B 85 -7.69 1.33 -56.47
C VAL B 85 -6.17 1.39 -56.20
N GLY B 86 -5.42 0.47 -56.80
CA GLY B 86 -3.98 0.42 -56.60
C GLY B 86 -3.21 1.72 -56.81
N ALA B 87 -3.73 2.59 -57.67
CA ALA B 87 -3.07 3.85 -57.97
C ALA B 87 -3.43 4.96 -56.97
N THR B 88 -4.24 4.62 -55.96
CA THR B 88 -4.65 5.58 -54.94
C THR B 88 -4.13 5.19 -53.55
N ARG B 89 -3.57 3.98 -53.45
CA ARG B 89 -3.02 3.47 -52.19
C ARG B 89 -1.54 3.81 -52.05
N TRP B 90 -1.17 4.32 -50.88
CA TRP B 90 0.20 4.72 -50.60
C TRP B 90 0.61 4.34 -49.19
N GLN B 91 1.91 4.46 -48.93
CA GLN B 91 2.49 4.21 -47.61
C GLN B 91 3.48 5.31 -47.29
N ILE B 92 3.24 6.04 -46.22
CA ILE B 92 4.18 7.08 -45.85
C ILE B 92 5.18 6.39 -44.93
N TRP B 93 6.44 6.50 -45.29
CA TRP B 93 7.49 5.87 -44.52
C TRP B 93 8.21 6.82 -43.62
N ASP B 94 8.76 6.26 -42.57
CA ASP B 94 9.51 7.01 -41.59
C ASP B 94 10.74 7.59 -42.28
N ASN B 95 11.23 6.86 -43.30
CA ASN B 95 12.40 7.23 -44.11
C ASN B 95 12.08 8.50 -44.86
N ARG B 96 10.82 8.92 -44.82
CA ARG B 96 10.32 10.12 -45.50
C ARG B 96 10.07 9.85 -46.95
N THR B 97 9.66 8.62 -47.23
CA THR B 97 9.37 8.20 -48.58
C THR B 97 7.90 7.86 -48.68
N ILE B 98 7.23 8.42 -49.67
CA ILE B 98 5.82 8.12 -49.88
C ILE B 98 5.88 7.23 -51.10
N ILE B 99 5.41 6.01 -50.94
CA ILE B 99 5.49 5.05 -52.01
C ILE B 99 4.18 4.44 -52.37
N ASN B 100 3.99 4.23 -53.67
CA ASN B 100 2.79 3.59 -54.14
C ASN B 100 3.17 2.13 -54.22
N PRO B 101 2.71 1.33 -53.25
CA PRO B 101 2.98 -0.10 -53.20
C PRO B 101 2.73 -0.79 -54.53
N ARG B 102 1.50 -0.66 -55.05
CA ARG B 102 1.14 -1.27 -56.31
C ARG B 102 2.24 -1.26 -57.37
N SER B 103 2.76 -0.07 -57.65
CA SER B 103 3.82 0.07 -58.65
C SER B 103 5.19 -0.11 -58.02
N GLY B 104 5.32 0.32 -56.78
CA GLY B 104 6.60 0.22 -56.09
C GLY B 104 7.36 1.49 -56.30
N LEU B 105 6.71 2.41 -57.01
CA LEU B 105 7.30 3.69 -57.31
C LEU B 105 7.02 4.66 -56.20
N VAL B 106 7.82 5.71 -56.11
CA VAL B 106 7.67 6.68 -55.06
C VAL B 106 7.39 8.08 -55.57
N LEU B 107 6.59 8.80 -54.80
CA LEU B 107 6.22 10.17 -55.14
C LEU B 107 7.52 10.95 -55.30
N ALA B 108 7.60 11.78 -56.35
CA ALA B 108 8.81 12.54 -56.60
C ALA B 108 8.52 13.90 -57.21
N ALA B 109 9.47 14.82 -57.08
CA ALA B 109 9.31 16.15 -57.63
C ALA B 109 10.64 16.44 -58.35
N THR B 110 10.65 16.20 -59.66
CA THR B 110 11.87 16.36 -60.47
C THR B 110 12.46 17.76 -60.49
N SER B 111 11.81 18.71 -59.85
CA SER B 111 12.37 20.05 -59.81
C SER B 111 12.07 20.73 -58.50
N GLY B 112 12.96 21.64 -58.11
CA GLY B 112 12.77 22.37 -56.88
C GLY B 112 11.87 23.57 -57.11
N ASN B 113 11.60 23.88 -58.37
CA ASN B 113 10.75 25.02 -58.73
C ASN B 113 9.30 24.81 -58.36
N SER B 114 8.60 25.91 -58.10
CA SER B 114 7.18 25.87 -57.78
C SER B 114 6.44 25.59 -59.06
N GLY B 115 5.42 24.76 -58.97
CA GLY B 115 4.65 24.42 -60.15
C GLY B 115 5.07 23.06 -60.68
N THR B 116 6.25 22.61 -60.28
CA THR B 116 6.73 21.31 -60.72
C THR B 116 5.64 20.28 -60.43
N LYS B 117 5.23 19.55 -61.45
CA LYS B 117 4.19 18.57 -61.25
C LYS B 117 4.77 17.32 -60.63
N LEU B 118 4.01 16.67 -59.77
CA LEU B 118 4.51 15.47 -59.16
C LEU B 118 4.48 14.29 -60.13
N THR B 119 5.44 13.41 -59.95
CA THR B 119 5.57 12.22 -60.74
C THR B 119 5.99 11.15 -59.78
N VAL B 120 5.78 9.91 -60.16
CA VAL B 120 6.16 8.81 -59.31
C VAL B 120 7.42 8.23 -59.99
N GLN B 121 8.49 7.98 -59.23
CA GLN B 121 9.71 7.43 -59.83
C GLN B 121 10.14 6.18 -59.10
N THR B 122 11.27 5.63 -59.49
CA THR B 122 11.79 4.44 -58.82
C THR B 122 12.54 4.98 -57.62
N ASN B 123 12.38 4.29 -56.49
CA ASN B 123 13.02 4.72 -55.27
C ASN B 123 14.53 4.64 -55.29
N ILE B 124 15.16 5.80 -55.10
CA ILE B 124 16.61 5.89 -55.05
C ILE B 124 16.90 6.86 -53.90
N TYR B 125 15.94 6.98 -53.00
CA TYR B 125 16.03 7.87 -51.82
C TYR B 125 16.70 9.21 -52.10
N ALA B 126 16.30 9.86 -53.18
CA ALA B 126 16.89 11.15 -53.49
C ALA B 126 16.10 12.17 -52.71
N VAL B 127 16.67 13.36 -52.52
CA VAL B 127 15.94 14.39 -51.81
C VAL B 127 14.58 14.54 -52.51
N SER B 128 14.62 14.73 -53.82
CA SER B 128 13.42 14.89 -54.64
C SER B 128 12.31 13.85 -54.44
N GLN B 129 12.55 12.83 -53.62
CA GLN B 129 11.53 11.81 -53.39
C GLN B 129 11.15 11.71 -51.92
N GLY B 130 11.70 12.63 -51.13
CA GLY B 130 11.45 12.65 -49.71
C GLY B 130 10.37 13.65 -49.33
N TRP B 131 9.45 13.20 -48.49
CA TRP B 131 8.35 14.03 -48.05
C TRP B 131 8.11 13.91 -46.55
N LEU B 132 7.26 14.79 -46.04
CA LEU B 132 6.92 14.82 -44.63
C LEU B 132 5.46 15.27 -44.42
N PRO B 133 4.63 14.41 -43.80
CA PRO B 133 3.23 14.72 -43.54
C PRO B 133 3.12 15.54 -42.23
N THR B 134 3.38 16.83 -42.34
CA THR B 134 3.32 17.74 -41.20
C THR B 134 2.57 19.03 -41.56
N ASN B 135 1.90 19.63 -40.58
CA ASN B 135 1.21 20.89 -40.81
C ASN B 135 2.27 21.97 -40.56
N ASN B 136 3.46 21.51 -40.16
CA ASN B 136 4.58 22.41 -39.90
C ASN B 136 5.43 22.48 -41.16
N THR B 137 5.26 23.56 -41.89
CA THR B 137 5.93 23.75 -43.16
C THR B 137 7.24 24.51 -43.14
N GLN B 138 7.82 24.69 -41.95
CA GLN B 138 9.09 25.38 -41.86
C GLN B 138 10.21 24.37 -41.65
N PRO B 139 11.44 24.75 -41.96
CA PRO B 139 12.52 23.78 -41.76
C PRO B 139 12.85 23.73 -40.29
N PHE B 140 13.00 22.53 -39.74
CA PHE B 140 13.35 22.43 -38.33
C PHE B 140 14.77 22.96 -38.16
N VAL B 141 14.90 24.14 -37.58
CA VAL B 141 16.22 24.70 -37.35
C VAL B 141 16.79 24.14 -36.05
N THR B 142 18.10 23.93 -36.03
CA THR B 142 18.71 23.36 -34.86
C THR B 142 20.21 23.29 -35.10
N THR B 143 20.94 22.87 -34.07
CA THR B 143 22.37 22.71 -34.19
C THR B 143 22.52 21.21 -34.15
N ILE B 144 23.56 20.71 -34.78
CA ILE B 144 23.77 19.28 -34.78
C ILE B 144 25.05 19.02 -34.04
N VAL B 145 24.89 18.47 -32.84
CA VAL B 145 26.00 18.17 -31.97
C VAL B 145 26.47 16.76 -32.15
N GLY B 146 27.79 16.62 -32.21
CA GLY B 146 28.38 15.31 -32.39
C GLY B 146 29.38 14.98 -31.30
N LEU B 147 30.56 14.55 -31.72
CA LEU B 147 31.63 14.17 -30.83
C LEU B 147 32.12 15.30 -29.92
N TYR B 148 32.44 14.93 -28.68
CA TYR B 148 32.92 15.88 -27.70
C TYR B 148 31.91 17.00 -27.55
N GLY B 149 30.64 16.71 -27.84
CA GLY B 149 29.63 17.74 -27.72
C GLY B 149 29.99 18.92 -28.59
N MET B 150 30.67 18.63 -29.70
CA MET B 150 31.05 19.67 -30.64
C MET B 150 29.98 19.78 -31.71
N CYS B 151 29.90 20.94 -32.32
CA CYS B 151 28.90 21.20 -33.32
C CYS B 151 29.38 21.11 -34.77
N LEU B 152 28.48 20.71 -35.65
CA LEU B 152 28.77 20.63 -37.06
C LEU B 152 28.73 22.07 -37.54
N GLN B 153 29.77 22.50 -38.24
CA GLN B 153 29.80 23.88 -38.72
C GLN B 153 30.06 23.90 -40.22
N ALA B 154 29.54 24.91 -40.91
CA ALA B 154 29.72 25.00 -42.34
C ALA B 154 30.32 26.33 -42.70
N ASN B 155 31.28 26.30 -43.61
CA ASN B 155 31.92 27.51 -44.10
C ASN B 155 32.18 27.22 -45.56
N SER B 156 31.41 27.88 -46.42
CA SER B 156 31.54 27.67 -47.86
C SER B 156 31.04 26.25 -48.12
N GLY B 157 31.74 25.50 -48.96
CA GLY B 157 31.33 24.14 -49.25
C GLY B 157 31.94 23.13 -48.30
N LYS B 158 32.59 23.62 -47.26
CA LYS B 158 33.21 22.73 -46.27
C LYS B 158 32.42 22.66 -44.97
N VAL B 159 32.43 21.48 -44.35
CA VAL B 159 31.72 21.29 -43.09
C VAL B 159 32.53 20.41 -42.16
N TRP B 160 32.92 20.97 -41.01
CA TRP B 160 33.69 20.24 -40.02
C TRP B 160 33.05 20.34 -38.63
N LEU B 161 33.78 19.89 -37.62
CA LEU B 161 33.28 19.91 -36.25
C LEU B 161 34.05 20.93 -35.41
N GLU B 162 33.30 21.91 -34.89
CA GLU B 162 33.85 22.98 -34.08
C GLU B 162 33.15 23.00 -32.70
N ASP B 163 33.70 23.78 -31.76
CA ASP B 163 33.10 23.89 -30.43
C ASP B 163 31.89 24.79 -30.58
N CYS B 164 30.78 24.38 -29.95
CA CYS B 164 29.53 25.12 -30.06
C CYS B 164 29.58 26.52 -29.44
N THR B 165 29.02 27.49 -30.16
CA THR B 165 28.97 28.90 -29.75
C THR B 165 27.54 29.43 -29.90
N SER B 166 26.96 29.99 -28.84
CA SER B 166 25.59 30.53 -28.89
C SER B 166 25.25 31.27 -30.18
N GLU B 167 26.02 32.31 -30.50
CA GLU B 167 25.80 33.07 -31.73
C GLU B 167 25.96 32.14 -32.92
N LYS B 168 27.15 32.16 -33.51
CA LYS B 168 27.52 31.32 -34.66
C LYS B 168 26.37 30.76 -35.51
N ALA B 169 26.14 31.38 -36.67
CA ALA B 169 25.09 30.96 -37.59
C ALA B 169 25.58 29.78 -38.40
N GLU B 170 26.90 29.64 -38.45
CA GLU B 170 27.56 28.57 -39.18
C GLU B 170 27.19 27.22 -38.57
N GLN B 171 26.81 27.24 -37.31
CA GLN B 171 26.41 26.02 -36.60
C GLN B 171 24.91 25.79 -36.59
N GLN B 172 24.18 26.62 -37.33
CA GLN B 172 22.72 26.48 -37.44
C GLN B 172 22.38 25.64 -38.66
N TRP B 173 21.55 24.63 -38.46
CA TRP B 173 21.15 23.76 -39.56
C TRP B 173 19.64 23.65 -39.69
N ALA B 174 19.15 23.79 -40.91
CA ALA B 174 17.73 23.68 -41.18
C ALA B 174 17.44 22.29 -41.72
N LEU B 175 16.63 21.54 -41.01
CA LEU B 175 16.32 20.19 -41.46
C LEU B 175 15.02 20.17 -42.26
N TYR B 176 15.16 20.20 -43.58
CA TYR B 176 14.04 20.20 -44.51
C TYR B 176 13.29 18.90 -44.53
N ALA B 177 11.99 19.00 -44.79
CA ALA B 177 11.09 17.85 -44.83
C ALA B 177 11.54 16.85 -45.86
N ASP B 178 12.27 17.33 -46.87
CA ASP B 178 12.74 16.48 -47.96
C ASP B 178 13.91 15.58 -47.56
N GLY B 179 14.38 15.73 -46.32
CA GLY B 179 15.48 14.91 -45.84
C GLY B 179 16.83 15.56 -46.06
N SER B 180 16.82 16.84 -46.41
CA SER B 180 18.07 17.53 -46.64
C SER B 180 18.49 18.25 -45.37
N ILE B 181 19.79 18.50 -45.24
CA ILE B 181 20.32 19.20 -44.09
C ILE B 181 21.04 20.41 -44.64
N ARG B 182 20.42 21.57 -44.46
CA ARG B 182 20.98 22.78 -45.02
C ARG B 182 21.47 23.82 -44.05
N PRO B 183 22.62 24.42 -44.36
CA PRO B 183 23.20 25.46 -43.50
C PRO B 183 22.30 26.67 -43.56
N GLN B 184 21.92 27.15 -42.38
CA GLN B 184 21.04 28.31 -42.25
C GLN B 184 21.55 29.45 -43.13
N GLN B 185 22.87 29.62 -43.12
CA GLN B 185 23.58 30.65 -43.89
C GLN B 185 23.21 30.69 -45.36
N ASN B 186 22.89 29.54 -45.91
CA ASN B 186 22.54 29.43 -47.32
C ASN B 186 21.67 28.19 -47.53
N ARG B 187 20.36 28.37 -47.53
CA ARG B 187 19.45 27.24 -47.69
C ARG B 187 19.36 26.73 -49.11
N ASP B 188 20.25 27.23 -49.96
CA ASP B 188 20.29 26.77 -51.34
C ASP B 188 21.28 25.60 -51.37
N ASN B 189 22.13 25.50 -50.35
CA ASN B 189 23.12 24.45 -50.27
C ASN B 189 22.73 23.27 -49.37
N CYS B 190 23.36 22.14 -49.65
CA CYS B 190 23.10 20.88 -48.97
C CYS B 190 24.28 20.17 -48.35
N LEU B 191 23.98 19.37 -47.34
CA LEU B 191 24.98 18.55 -46.69
C LEU B 191 25.04 17.45 -47.73
N THR B 192 26.13 17.41 -48.49
CA THR B 192 26.24 16.43 -49.54
C THR B 192 27.42 15.49 -49.46
N THR B 193 27.21 14.26 -49.93
CA THR B 193 28.27 13.26 -50.02
C THR B 193 28.33 12.91 -51.53
N ASP B 194 29.31 13.49 -52.23
CA ASP B 194 29.47 13.27 -53.67
C ASP B 194 30.04 11.92 -54.06
N ALA B 195 29.69 10.89 -53.29
CA ALA B 195 30.15 9.52 -53.52
C ALA B 195 29.46 8.60 -52.51
N ASN B 196 29.37 7.31 -52.83
CA ASN B 196 28.71 6.36 -51.95
C ASN B 196 29.64 5.30 -51.36
N ILE B 197 30.91 5.68 -51.20
CA ILE B 197 31.92 4.77 -50.67
C ILE B 197 32.56 5.32 -49.40
N LYS B 198 33.02 4.39 -48.56
CA LYS B 198 33.64 4.72 -47.29
C LYS B 198 34.71 5.78 -47.47
N GLY B 199 34.86 6.61 -46.45
CA GLY B 199 35.87 7.63 -46.47
C GLY B 199 35.52 8.84 -47.29
N THR B 200 34.40 8.77 -48.00
CA THR B 200 34.01 9.92 -48.81
C THR B 200 33.78 11.10 -47.87
N VAL B 201 34.56 12.15 -48.03
CA VAL B 201 34.39 13.31 -47.16
C VAL B 201 33.19 14.18 -47.58
N VAL B 202 32.28 14.38 -46.62
CA VAL B 202 31.05 15.15 -46.81
C VAL B 202 31.25 16.66 -46.98
N LYS B 203 30.58 17.23 -47.97
CA LYS B 203 30.70 18.65 -48.27
C LYS B 203 29.36 19.39 -48.24
N ILE B 204 29.42 20.71 -48.44
CA ILE B 204 28.24 21.57 -48.50
C ILE B 204 28.13 21.96 -50.00
N LEU B 205 27.21 21.28 -50.71
CA LEU B 205 27.04 21.53 -52.13
C LEU B 205 25.62 21.95 -52.49
N SER B 206 25.48 22.62 -53.63
CA SER B 206 24.17 23.05 -54.11
C SER B 206 23.17 21.90 -54.05
N CYS B 207 21.94 22.23 -53.64
CA CYS B 207 20.87 21.24 -53.52
C CYS B 207 20.14 20.96 -54.82
N GLY B 208 20.38 21.80 -55.82
CA GLY B 208 19.74 21.64 -57.12
C GLY B 208 19.47 20.21 -57.50
N PRO B 209 20.50 19.35 -57.43
CA PRO B 209 20.38 17.91 -57.77
C PRO B 209 19.31 17.18 -56.97
N ALA B 210 19.22 17.52 -55.68
CA ALA B 210 18.28 16.86 -54.80
C ALA B 210 18.61 15.37 -54.94
N SER B 211 19.92 15.08 -54.94
CA SER B 211 20.39 13.70 -55.11
C SER B 211 20.20 12.83 -53.90
N SER B 212 20.62 11.58 -54.03
CA SER B 212 20.50 10.64 -52.95
C SER B 212 21.56 10.94 -51.89
N GLY B 213 22.63 11.58 -52.33
CA GLY B 213 23.71 11.92 -51.42
C GLY B 213 23.49 13.26 -50.74
N GLN B 214 22.24 13.71 -50.77
CA GLN B 214 21.86 14.98 -50.14
C GLN B 214 20.70 14.77 -49.16
N ARG B 215 20.05 13.62 -49.26
CA ARG B 215 18.96 13.26 -48.36
C ARG B 215 19.61 12.51 -47.21
N TRP B 216 19.14 12.80 -46.00
CA TRP B 216 19.67 12.17 -44.81
C TRP B 216 18.55 11.69 -43.92
N MET B 217 18.88 10.75 -43.06
CA MET B 217 17.89 10.19 -42.18
C MET B 217 18.48 10.08 -40.79
N PHE B 218 17.91 10.82 -39.83
CA PHE B 218 18.37 10.75 -38.45
C PHE B 218 17.76 9.49 -37.86
N LYS B 219 18.60 8.50 -37.62
CA LYS B 219 18.14 7.22 -37.09
C LYS B 219 17.97 7.25 -35.58
N ASN B 220 17.22 6.27 -35.08
CA ASN B 220 16.92 6.15 -33.67
C ASN B 220 18.17 5.83 -32.84
N ASP B 221 19.26 5.47 -33.53
CA ASP B 221 20.49 5.17 -32.82
C ASP B 221 21.47 6.35 -32.81
N GLY B 222 20.96 7.55 -33.03
CA GLY B 222 21.81 8.73 -33.00
C GLY B 222 22.71 8.97 -34.19
N THR B 223 22.59 8.13 -35.22
CA THR B 223 23.39 8.27 -36.42
C THR B 223 22.59 9.00 -37.49
N ILE B 224 23.30 9.66 -38.40
CA ILE B 224 22.66 10.36 -39.50
C ILE B 224 23.07 9.52 -40.70
N LEU B 225 22.08 8.77 -41.17
CA LEU B 225 22.20 7.83 -42.25
C LEU B 225 21.80 8.35 -43.62
N ASN B 226 22.44 7.77 -44.64
CA ASN B 226 22.15 8.09 -46.03
C ASN B 226 21.46 6.83 -46.56
N LEU B 227 20.15 6.86 -46.62
CA LEU B 227 19.36 5.72 -47.07
C LEU B 227 19.91 5.00 -48.30
N TYR B 228 20.35 5.78 -49.28
CA TYR B 228 20.87 5.23 -50.51
C TYR B 228 22.06 4.30 -50.33
N ASN B 229 23.22 4.84 -49.95
CA ASN B 229 24.44 4.06 -49.78
C ASN B 229 24.58 3.34 -48.45
N GLY B 230 23.68 3.65 -47.52
CA GLY B 230 23.70 3.00 -46.22
C GLY B 230 24.75 3.44 -45.22
N LEU B 231 25.61 4.37 -45.61
CA LEU B 231 26.65 4.83 -44.70
C LEU B 231 26.11 5.88 -43.76
N VAL B 232 26.88 6.20 -42.73
CA VAL B 232 26.44 7.17 -41.76
C VAL B 232 27.46 8.26 -41.66
N LEU B 233 27.06 9.39 -41.09
CA LEU B 233 28.00 10.48 -40.90
C LEU B 233 28.99 9.95 -39.91
N ASP B 234 30.20 10.49 -39.96
CA ASP B 234 31.26 9.97 -39.11
C ASP B 234 32.43 10.96 -39.07
N VAL B 235 32.80 11.39 -37.86
CA VAL B 235 33.92 12.31 -37.68
C VAL B 235 35.16 11.45 -37.84
N ARG B 236 35.79 11.49 -39.01
CA ARG B 236 36.95 10.65 -39.27
C ARG B 236 38.05 10.68 -38.21
N ARG B 237 38.54 9.50 -37.87
CA ARG B 237 39.59 9.30 -36.85
C ARG B 237 39.13 9.88 -35.50
N SER B 238 37.80 9.93 -35.29
CA SER B 238 37.22 10.51 -34.07
C SER B 238 38.04 11.73 -33.69
N ASP B 239 38.57 12.38 -34.72
CA ASP B 239 39.42 13.53 -34.54
C ASP B 239 38.87 14.76 -35.23
N PRO B 240 38.19 15.64 -34.47
CA PRO B 240 37.62 16.86 -35.03
C PRO B 240 38.67 17.88 -35.45
N SER B 241 39.93 17.53 -35.25
CA SER B 241 41.04 18.42 -35.63
C SER B 241 41.35 18.21 -37.11
N LEU B 242 40.83 17.12 -37.64
CA LEU B 242 41.00 16.78 -39.05
C LEU B 242 40.04 17.62 -39.89
N LYS B 243 39.07 18.25 -39.22
CA LYS B 243 38.08 19.09 -39.88
C LYS B 243 37.43 18.34 -41.02
N GLN B 244 37.13 17.06 -40.79
CA GLN B 244 36.50 16.23 -41.80
C GLN B 244 35.48 15.25 -41.25
N ILE B 245 34.28 15.36 -41.79
CA ILE B 245 33.20 14.46 -41.43
C ILE B 245 33.14 13.63 -42.69
N ILE B 246 32.93 12.33 -42.52
CA ILE B 246 32.88 11.45 -43.67
C ILE B 246 31.72 10.47 -43.54
N VAL B 247 31.49 9.69 -44.59
CA VAL B 247 30.46 8.67 -44.54
C VAL B 247 31.26 7.40 -44.25
N HIS B 248 30.72 6.53 -43.42
CA HIS B 248 31.44 5.33 -43.05
C HIS B 248 30.47 4.28 -42.57
N PRO B 249 30.77 3.01 -42.82
CA PRO B 249 29.88 1.93 -42.38
C PRO B 249 29.52 2.20 -40.91
N PHE B 250 28.27 1.97 -40.56
CA PHE B 250 27.85 2.22 -39.19
C PHE B 250 28.48 1.29 -38.16
N HIS B 251 29.14 1.86 -37.14
CA HIS B 251 29.67 1.04 -36.05
C HIS B 251 29.02 1.42 -34.71
N GLY B 252 28.58 2.67 -34.58
CA GLY B 252 27.90 3.08 -33.37
C GLY B 252 28.71 3.88 -32.38
N ASN B 253 30.00 4.04 -32.66
CA ASN B 253 30.85 4.79 -31.76
C ASN B 253 30.43 6.25 -31.73
N LEU B 254 30.73 6.91 -30.61
CA LEU B 254 30.37 8.32 -30.41
C LEU B 254 30.77 9.29 -31.50
N ASN B 255 31.68 8.86 -32.39
CA ASN B 255 32.13 9.72 -33.48
C ASN B 255 31.14 9.65 -34.64
N GLN B 256 30.17 8.73 -34.49
CA GLN B 256 29.10 8.54 -35.47
C GLN B 256 27.76 8.89 -34.80
N ILE B 257 27.84 9.42 -33.58
CA ILE B 257 26.65 9.79 -32.84
C ILE B 257 26.38 11.29 -32.89
N TRP B 258 25.17 11.63 -33.30
CA TRP B 258 24.80 13.02 -33.41
C TRP B 258 23.51 13.28 -32.66
N LEU B 259 23.29 14.55 -32.37
CA LEU B 259 22.08 14.94 -31.66
C LEU B 259 21.64 16.32 -32.12
N PRO B 260 20.41 16.44 -32.64
CA PRO B 260 19.89 17.72 -33.11
C PRO B 260 19.49 18.52 -31.89
N LEU B 261 20.46 19.21 -31.30
CA LEU B 261 20.20 20.00 -30.12
C LEU B 261 19.54 21.30 -30.53
N PHE B 262 18.22 21.36 -30.34
CA PHE B 262 17.41 22.51 -30.72
C PHE B 262 17.01 23.40 -29.56
N PRO C 3 -7.21 20.11 8.16
CA PRO C 3 -8.12 18.98 8.34
C PRO C 3 -8.56 18.79 9.78
N LYS C 4 -8.99 17.58 10.10
CA LYS C 4 -9.43 17.28 11.45
C LYS C 4 -8.47 16.26 12.07
N GLN C 5 -8.09 16.50 13.33
CA GLN C 5 -7.18 15.59 14.02
C GLN C 5 -7.96 14.66 14.95
N TYR C 6 -7.54 13.40 14.98
CA TYR C 6 -8.19 12.38 15.80
C TYR C 6 -8.12 12.72 17.29
N PRO C 7 -8.93 12.04 18.10
CA PRO C 7 -8.92 12.31 19.54
C PRO C 7 -7.63 11.77 20.16
N ILE C 8 -7.18 12.42 21.25
CA ILE C 8 -5.95 11.99 21.92
C ILE C 8 -6.11 11.73 23.41
N ILE C 9 -5.63 10.58 23.86
CA ILE C 9 -5.64 10.19 25.26
C ILE C 9 -4.17 10.34 25.61
N ASN C 10 -3.87 11.14 26.62
CA ASN C 10 -2.48 11.35 26.99
C ASN C 10 -2.03 10.50 28.16
N PHE C 11 -0.72 10.27 28.24
CA PHE C 11 -0.16 9.52 29.34
C PHE C 11 1.34 9.66 29.46
N THR C 12 1.81 9.77 30.70
CA THR C 12 3.23 9.91 30.96
C THR C 12 3.67 8.98 32.07
N THR C 13 4.88 8.46 31.91
CA THR C 13 5.45 7.56 32.88
C THR C 13 6.10 8.38 34.00
N ALA C 14 6.09 9.69 33.84
CA ALA C 14 6.67 10.58 34.82
C ALA C 14 5.75 10.63 36.04
N ASP C 15 6.23 10.12 37.17
CA ASP C 15 5.43 10.09 38.41
C ASP C 15 4.13 9.34 38.11
N ALA C 16 4.25 8.27 37.32
CA ALA C 16 3.09 7.48 36.96
C ALA C 16 2.57 6.77 38.19
N THR C 17 1.25 6.77 38.34
CA THR C 17 0.61 6.12 39.48
C THR C 17 -0.48 5.20 38.94
N VAL C 18 -0.83 4.18 39.71
CA VAL C 18 -1.87 3.26 39.27
C VAL C 18 -3.12 4.02 38.87
N GLU C 19 -3.41 5.12 39.59
CA GLU C 19 -4.57 5.93 39.28
C GLU C 19 -4.41 6.46 37.86
N SER C 20 -3.30 7.16 37.66
CA SER C 20 -3.00 7.75 36.36
C SER C 20 -3.10 6.72 35.25
N TYR C 21 -2.52 5.54 35.49
CA TYR C 21 -2.56 4.45 34.50
C TYR C 21 -3.98 3.97 34.28
N THR C 22 -4.68 3.77 35.39
CA THR C 22 -6.05 3.31 35.39
C THR C 22 -6.98 4.26 34.63
N ASN C 23 -6.86 5.54 34.89
CA ASN C 23 -7.69 6.52 34.21
C ASN C 23 -7.36 6.54 32.73
N PHE C 24 -6.07 6.44 32.45
CA PHE C 24 -5.56 6.41 31.09
C PHE C 24 -6.20 5.25 30.34
N ILE C 25 -5.95 4.03 30.80
CA ILE C 25 -6.51 2.87 30.14
C ILE C 25 -8.03 2.96 30.01
N ARG C 26 -8.67 3.59 30.98
CA ARG C 26 -10.11 3.72 30.96
C ARG C 26 -10.53 4.73 29.90
N ALA C 27 -9.79 5.83 29.80
CA ALA C 27 -10.09 6.86 28.82
C ALA C 27 -9.86 6.30 27.42
N VAL C 28 -8.94 5.35 27.32
CA VAL C 28 -8.66 4.73 26.06
C VAL C 28 -9.91 3.98 25.63
N ARG C 29 -10.35 3.06 26.47
CA ARG C 29 -11.54 2.27 26.17
C ARG C 29 -12.74 3.13 25.86
N SER C 30 -12.98 4.14 26.69
CA SER C 30 -14.13 5.00 26.47
C SER C 30 -14.10 5.59 25.07
N HIS C 31 -12.90 5.92 24.61
CA HIS C 31 -12.75 6.50 23.28
C HIS C 31 -12.84 5.47 22.19
N LEU C 32 -12.50 4.23 22.50
CA LEU C 32 -12.59 3.16 21.52
C LEU C 32 -14.06 2.84 21.28
N THR C 33 -14.73 2.35 22.31
CA THR C 33 -16.12 2.01 22.16
C THR C 33 -17.05 3.06 22.74
N THR C 34 -17.60 3.85 21.82
CA THR C 34 -18.55 4.90 22.17
C THR C 34 -19.85 4.39 21.58
N GLY C 35 -20.96 5.02 21.93
CA GLY C 35 -22.25 4.56 21.44
C GLY C 35 -22.60 3.33 22.26
N ALA C 36 -21.64 2.40 22.33
CA ALA C 36 -21.77 1.15 23.10
C ALA C 36 -22.53 -0.01 22.47
N ASP C 37 -21.78 -1.01 22.03
CA ASP C 37 -22.33 -2.23 21.44
C ASP C 37 -21.81 -3.35 22.33
N VAL C 38 -22.45 -3.55 23.48
CA VAL C 38 -22.00 -4.60 24.38
C VAL C 38 -22.84 -5.84 24.25
N ARG C 39 -22.19 -6.98 24.49
CA ARG C 39 -22.81 -8.28 24.39
C ARG C 39 -22.22 -9.21 25.42
N HIS C 40 -23.08 -9.69 26.32
CA HIS C 40 -22.65 -10.55 27.41
C HIS C 40 -21.83 -9.66 28.31
N GLU C 41 -22.29 -8.42 28.43
CA GLU C 41 -21.69 -7.38 29.26
C GLU C 41 -20.27 -6.96 28.91
N ILE C 42 -19.83 -7.28 27.70
CA ILE C 42 -18.48 -6.95 27.23
C ILE C 42 -18.60 -6.08 25.98
N PRO C 43 -18.07 -4.84 26.01
CA PRO C 43 -18.14 -3.96 24.84
C PRO C 43 -17.51 -4.53 23.59
N VAL C 44 -18.13 -4.23 22.47
CA VAL C 44 -17.66 -4.69 21.18
C VAL C 44 -17.21 -3.45 20.45
N LEU C 45 -16.01 -3.53 19.88
CA LEU C 45 -15.46 -2.41 19.15
C LEU C 45 -16.23 -2.20 17.86
N PRO C 46 -16.14 -1.00 17.28
CA PRO C 46 -16.86 -0.71 16.02
C PRO C 46 -16.49 -1.72 14.95
N ASN C 47 -17.34 -1.84 13.93
CA ASN C 47 -17.06 -2.76 12.84
C ASN C 47 -16.23 -2.04 11.79
N ARG C 48 -15.17 -2.69 11.33
CA ARG C 48 -14.29 -2.10 10.34
C ARG C 48 -15.07 -1.61 9.11
N VAL C 49 -15.80 -2.53 8.51
CA VAL C 49 -16.59 -2.22 7.33
C VAL C 49 -17.58 -1.09 7.58
N GLY C 50 -17.54 -0.08 6.71
CA GLY C 50 -18.45 1.04 6.81
C GLY C 50 -18.02 2.15 7.73
N LEU C 51 -17.14 1.82 8.68
CA LEU C 51 -16.67 2.80 9.62
C LEU C 51 -15.98 3.97 8.90
N PRO C 52 -16.55 5.19 9.03
CA PRO C 52 -15.98 6.38 8.38
C PRO C 52 -14.51 6.45 8.71
N ILE C 53 -13.75 7.20 7.93
CA ILE C 53 -12.33 7.29 8.23
C ILE C 53 -12.18 8.23 9.43
N SER C 54 -12.98 9.29 9.43
CA SER C 54 -12.97 10.30 10.48
C SER C 54 -12.93 9.72 11.88
N GLN C 55 -13.52 8.56 12.05
CA GLN C 55 -13.55 7.93 13.35
C GLN C 55 -12.98 6.52 13.33
N ARG C 56 -11.82 6.39 12.69
CA ARG C 56 -11.18 5.09 12.57
C ARG C 56 -9.98 4.92 13.50
N PHE C 57 -9.47 6.03 14.02
CA PHE C 57 -8.30 5.96 14.90
C PHE C 57 -8.41 6.87 16.09
N ILE C 58 -7.65 6.55 17.12
CA ILE C 58 -7.54 7.39 18.31
C ILE C 58 -6.03 7.47 18.56
N LEU C 59 -5.58 8.55 19.17
CA LEU C 59 -4.16 8.73 19.40
C LEU C 59 -3.75 8.72 20.85
N VAL C 60 -2.72 7.96 21.17
CA VAL C 60 -2.21 7.87 22.52
C VAL C 60 -0.85 8.53 22.58
N GLU C 61 -0.79 9.73 23.12
CA GLU C 61 0.48 10.42 23.21
C GLU C 61 1.18 10.01 24.49
N LEU C 62 2.27 9.29 24.34
CA LEU C 62 3.06 8.85 25.47
C LEU C 62 4.18 9.82 25.74
N SER C 63 4.33 10.21 27.01
CA SER C 63 5.40 11.11 27.44
C SER C 63 6.07 10.40 28.60
N ASN C 64 7.35 10.66 28.82
CA ASN C 64 8.05 9.99 29.91
C ASN C 64 8.89 10.98 30.73
N HIS C 65 9.56 10.48 31.77
CA HIS C 65 10.39 11.32 32.65
C HIS C 65 11.42 12.05 31.81
N ALA C 66 12.06 11.30 30.91
CA ALA C 66 13.08 11.83 30.01
C ALA C 66 12.53 13.00 29.19
N GLU C 67 11.28 13.38 29.47
CA GLU C 67 10.59 14.48 28.79
C GLU C 67 10.37 14.28 27.29
N LEU C 68 10.56 13.05 26.84
CA LEU C 68 10.37 12.66 25.44
C LEU C 68 8.90 12.27 25.25
N SER C 69 8.39 12.41 24.03
CA SER C 69 7.01 12.03 23.75
C SER C 69 6.86 11.44 22.36
N VAL C 70 5.95 10.50 22.24
CA VAL C 70 5.69 9.87 20.96
C VAL C 70 4.20 9.64 20.92
N THR C 71 3.62 9.83 19.75
CA THR C 71 2.20 9.62 19.64
C THR C 71 1.93 8.29 18.94
N LEU C 72 1.29 7.35 19.66
CA LEU C 72 0.95 6.06 19.08
C LEU C 72 -0.45 6.18 18.49
N ALA C 73 -0.65 5.57 17.32
CA ALA C 73 -1.95 5.61 16.67
C ALA C 73 -2.62 4.27 16.83
N LEU C 74 -3.85 4.31 17.33
CA LEU C 74 -4.64 3.10 17.57
C LEU C 74 -5.83 2.93 16.65
N ASP C 75 -6.01 1.70 16.18
CA ASP C 75 -7.14 1.39 15.32
C ASP C 75 -8.29 1.05 16.24
N VAL C 76 -9.36 1.85 16.18
CA VAL C 76 -10.55 1.65 17.01
C VAL C 76 -11.25 0.33 16.76
N THR C 77 -11.03 -0.28 15.61
CA THR C 77 -11.68 -1.53 15.31
C THR C 77 -11.02 -2.71 16.01
N ASN C 78 -9.97 -2.44 16.76
CA ASN C 78 -9.30 -3.54 17.46
C ASN C 78 -8.34 -3.10 18.55
N ALA C 79 -8.31 -1.80 18.83
CA ALA C 79 -7.47 -1.23 19.88
C ALA C 79 -5.96 -1.31 19.63
N TYR C 80 -5.56 -1.99 18.56
CA TYR C 80 -4.13 -2.14 18.23
C TYR C 80 -3.49 -0.88 17.66
N VAL C 81 -2.17 -0.78 17.83
CA VAL C 81 -1.43 0.35 17.32
C VAL C 81 -1.03 0.05 15.88
N VAL C 82 -1.26 1.01 15.00
CA VAL C 82 -0.97 0.87 13.58
C VAL C 82 0.35 1.50 13.21
N GLY C 83 0.69 2.59 13.90
CA GLY C 83 1.92 3.29 13.63
C GLY C 83 2.25 4.24 14.76
N CYS C 84 3.38 4.93 14.63
CA CYS C 84 3.80 5.87 15.65
C CYS C 84 4.36 7.16 15.11
N ARG C 85 4.08 8.24 15.83
CA ARG C 85 4.58 9.54 15.44
C ARG C 85 5.61 10.00 16.47
N ALA C 86 6.88 9.72 16.18
CA ALA C 86 7.97 10.08 17.08
C ALA C 86 8.79 11.20 16.47
N GLY C 87 8.76 12.35 17.12
CA GLY C 87 9.52 13.47 16.63
C GLY C 87 9.00 13.95 15.29
N ASN C 88 9.92 14.25 14.38
CA ASN C 88 9.52 14.75 13.08
C ASN C 88 9.30 13.67 12.06
N SER C 89 8.95 12.49 12.52
CA SER C 89 8.69 11.39 11.62
C SER C 89 7.48 10.58 12.08
N ALA C 90 6.92 9.82 11.15
CA ALA C 90 5.77 8.99 11.44
C ALA C 90 5.91 7.70 10.66
N TYR C 91 6.17 6.61 11.38
CA TYR C 91 6.29 5.30 10.75
C TYR C 91 5.10 4.43 11.10
N PHE C 92 4.69 3.59 10.14
CA PHE C 92 3.55 2.70 10.35
C PHE C 92 3.90 1.28 9.99
N PHE C 93 3.16 0.33 10.55
CA PHE C 93 3.37 -1.08 10.25
C PHE C 93 2.76 -1.30 8.90
N HIS C 94 3.17 -2.36 8.21
CA HIS C 94 2.59 -2.67 6.91
C HIS C 94 1.23 -3.31 7.16
N PRO C 95 0.15 -2.69 6.66
CA PRO C 95 -1.23 -3.20 6.84
C PRO C 95 -1.43 -4.52 6.11
N ASP C 96 -2.39 -5.32 6.58
CA ASP C 96 -2.67 -6.62 5.98
C ASP C 96 -3.60 -6.55 4.77
N ASN C 97 -4.18 -5.38 4.49
CA ASN C 97 -5.09 -5.28 3.36
C ASN C 97 -5.22 -3.86 2.84
N GLN C 98 -5.59 -3.77 1.57
CA GLN C 98 -5.74 -2.50 0.88
C GLN C 98 -6.57 -1.48 1.65
N GLU C 99 -7.70 -1.93 2.17
CA GLU C 99 -8.60 -1.06 2.92
C GLU C 99 -7.83 -0.32 4.00
N ASP C 100 -7.23 -1.11 4.89
CA ASP C 100 -6.47 -0.58 6.01
C ASP C 100 -5.31 0.29 5.51
N ALA C 101 -4.54 -0.27 4.58
CA ALA C 101 -3.43 0.47 4.00
C ALA C 101 -3.92 1.87 3.61
N GLU C 102 -5.07 1.95 2.94
CA GLU C 102 -5.59 3.24 2.54
C GLU C 102 -5.95 4.06 3.76
N ALA C 103 -6.39 3.37 4.81
CA ALA C 103 -6.82 4.04 6.03
C ALA C 103 -5.71 4.81 6.74
N ILE C 104 -4.63 4.11 7.08
CA ILE C 104 -3.51 4.72 7.78
C ILE C 104 -2.86 5.89 7.04
N THR C 105 -3.29 6.11 5.80
CA THR C 105 -2.74 7.21 5.03
C THR C 105 -3.52 8.46 5.40
N HIS C 106 -4.10 8.43 6.60
CA HIS C 106 -4.88 9.55 7.12
C HIS C 106 -4.29 9.92 8.48
N LEU C 107 -3.30 9.13 8.89
CA LEU C 107 -2.61 9.32 10.16
C LEU C 107 -1.40 10.24 9.98
N PHE C 108 -1.31 11.24 10.84
CA PHE C 108 -0.19 12.15 10.82
C PHE C 108 0.16 12.54 9.39
N THR C 109 -0.78 13.15 8.71
CA THR C 109 -0.56 13.55 7.32
C THR C 109 0.44 14.69 7.17
N ASP C 110 0.42 15.61 8.12
CA ASP C 110 1.29 16.78 8.09
C ASP C 110 2.78 16.50 8.32
N VAL C 111 3.10 15.26 8.70
CA VAL C 111 4.50 14.90 8.92
C VAL C 111 5.14 14.52 7.59
N GLN C 112 6.20 15.25 7.24
CA GLN C 112 6.89 15.03 5.97
C GLN C 112 7.60 13.69 5.87
N ASN C 113 8.35 13.31 6.90
CA ASN C 113 9.06 12.05 6.85
C ASN C 113 8.18 10.90 7.35
N SER C 114 7.12 10.60 6.61
CA SER C 114 6.20 9.51 6.96
C SER C 114 6.47 8.33 6.05
N PHE C 115 6.60 7.15 6.65
CA PHE C 115 6.83 5.95 5.86
C PHE C 115 6.14 4.72 6.48
N THR C 116 6.19 3.62 5.75
CA THR C 116 5.57 2.40 6.21
C THR C 116 6.50 1.23 6.06
N PHE C 117 6.91 0.65 7.17
CA PHE C 117 7.78 -0.49 7.12
C PHE C 117 7.18 -1.57 6.22
N ALA C 118 8.01 -2.55 5.88
CA ALA C 118 7.59 -3.64 5.04
C ALA C 118 6.95 -4.72 5.91
N PHE C 119 7.25 -4.68 7.21
CA PHE C 119 6.71 -5.65 8.14
C PHE C 119 5.45 -5.15 8.86
N GLY C 120 4.64 -6.07 9.34
CA GLY C 120 3.43 -5.70 10.04
C GLY C 120 3.71 -5.64 11.52
N GLY C 121 2.70 -5.25 12.29
CA GLY C 121 2.87 -5.15 13.73
C GLY C 121 2.29 -6.26 14.58
N ASN C 122 2.30 -7.48 14.06
CA ASN C 122 1.80 -8.64 14.79
C ASN C 122 2.92 -9.23 15.63
N TYR C 123 2.58 -9.77 16.79
CA TYR C 123 3.61 -10.33 17.65
C TYR C 123 4.53 -11.27 16.90
N ASP C 124 4.00 -12.02 15.95
CA ASP C 124 4.83 -12.95 15.19
C ASP C 124 6.01 -12.28 14.51
N ARG C 125 5.75 -11.15 13.86
CA ARG C 125 6.78 -10.37 13.18
C ARG C 125 7.66 -9.67 14.21
N LEU C 126 7.06 -8.74 14.94
CA LEU C 126 7.78 -7.99 15.95
C LEU C 126 8.69 -8.88 16.77
N GLU C 127 8.27 -10.13 16.95
CA GLU C 127 9.05 -11.08 17.71
C GLU C 127 10.25 -11.58 16.93
N GLN C 128 10.01 -11.91 15.66
CA GLN C 128 11.10 -12.40 14.81
C GLN C 128 12.16 -11.31 14.80
N LEU C 129 11.68 -10.08 14.91
CA LEU C 129 12.53 -8.90 14.92
C LEU C 129 13.23 -8.64 16.26
N GLY C 130 12.45 -8.48 17.32
CA GLY C 130 13.04 -8.19 18.62
C GLY C 130 13.03 -9.22 19.73
N GLY C 131 12.54 -10.42 19.46
CA GLY C 131 12.50 -11.43 20.51
C GLY C 131 11.11 -11.70 21.03
N LEU C 132 10.99 -12.76 21.84
CA LEU C 132 9.73 -13.21 22.44
C LEU C 132 9.18 -12.32 23.55
N ARG C 133 7.86 -12.09 23.54
CA ARG C 133 7.18 -11.26 24.55
C ARG C 133 7.51 -11.68 25.97
N GLU C 134 7.73 -12.98 26.15
CA GLU C 134 8.02 -13.56 27.44
C GLU C 134 9.37 -13.20 28.03
N ASN C 135 10.24 -12.62 27.20
CA ASN C 135 11.56 -12.23 27.67
C ASN C 135 11.72 -10.71 27.60
N ILE C 136 10.60 -10.01 27.45
CA ILE C 136 10.60 -8.56 27.36
C ILE C 136 9.81 -8.09 28.53
N GLU C 137 10.44 -7.29 29.38
CA GLU C 137 9.77 -6.86 30.58
C GLU C 137 8.77 -5.74 30.39
N LEU C 138 7.68 -5.83 31.13
CA LEU C 138 6.62 -4.84 31.10
C LEU C 138 6.63 -4.15 32.44
N GLY C 139 6.27 -2.89 32.43
CA GLY C 139 6.28 -2.13 33.66
C GLY C 139 6.31 -0.66 33.32
N THR C 140 6.48 0.17 34.33
CA THR C 140 6.52 1.62 34.15
C THR C 140 7.84 1.98 33.48
N GLY C 141 8.87 1.22 33.82
CA GLY C 141 10.19 1.48 33.27
C GLY C 141 10.21 1.07 31.83
N PRO C 142 9.90 -0.21 31.56
CA PRO C 142 9.89 -0.71 30.18
C PRO C 142 9.20 0.25 29.22
N LEU C 143 8.13 0.89 29.70
CA LEU C 143 7.38 1.83 28.87
C LEU C 143 8.21 3.11 28.66
N GLU C 144 8.77 3.59 29.76
CA GLU C 144 9.63 4.78 29.78
C GLU C 144 10.75 4.57 28.73
N ASP C 145 11.41 3.41 28.77
CA ASP C 145 12.49 3.08 27.85
C ASP C 145 11.97 2.90 26.42
N ALA C 146 10.80 2.28 26.32
CA ALA C 146 10.17 2.04 25.03
C ALA C 146 9.87 3.39 24.36
N ILE C 147 9.23 4.27 25.12
CA ILE C 147 8.90 5.61 24.64
C ILE C 147 10.13 6.35 24.15
N SER C 148 11.26 6.12 24.81
CA SER C 148 12.50 6.75 24.42
C SER C 148 12.95 6.14 23.09
N ALA C 149 13.10 4.82 23.06
CA ALA C 149 13.50 4.13 21.84
C ALA C 149 12.67 4.63 20.68
N LEU C 150 11.36 4.63 20.86
CA LEU C 150 10.48 5.07 19.79
C LEU C 150 10.83 6.47 19.30
N TYR C 151 11.06 7.37 20.23
CA TYR C 151 11.39 8.75 19.88
C TYR C 151 12.70 8.88 19.09
N TYR C 152 13.72 8.20 19.58
CA TYR C 152 15.06 8.22 18.99
C TYR C 152 15.19 7.59 17.63
N TYR C 153 14.19 6.83 17.21
CA TYR C 153 14.24 6.21 15.90
C TYR C 153 14.41 7.31 14.86
N SER C 154 13.60 8.36 15.01
CA SER C 154 13.62 9.49 14.09
C SER C 154 15.00 10.10 13.92
N THR C 155 15.93 9.74 14.80
CA THR C 155 17.28 10.27 14.72
C THR C 155 18.32 9.16 14.78
N CYS C 156 17.94 8.03 14.22
CA CYS C 156 18.81 6.85 14.15
C CYS C 156 19.31 6.35 15.50
N GLY C 157 18.68 6.81 16.56
CA GLY C 157 19.10 6.37 17.87
C GLY C 157 18.63 4.96 18.16
N THR C 158 17.65 4.47 17.39
CA THR C 158 17.11 3.13 17.63
C THR C 158 17.16 2.20 16.41
N GLN C 159 17.53 0.96 16.67
CA GLN C 159 17.57 -0.05 15.63
C GLN C 159 16.20 -0.72 15.63
N ILE C 160 15.90 -1.46 14.59
CA ILE C 160 14.59 -2.06 14.50
C ILE C 160 14.20 -3.01 15.62
N PRO C 161 15.03 -4.03 15.90
CA PRO C 161 14.69 -4.98 16.98
C PRO C 161 14.17 -4.27 18.22
N THR C 162 14.92 -3.25 18.64
CA THR C 162 14.59 -2.45 19.79
C THR C 162 13.24 -1.77 19.55
N LEU C 163 13.09 -1.20 18.37
CA LEU C 163 11.86 -0.53 18.00
C LEU C 163 10.69 -1.50 18.18
N ALA C 164 10.96 -2.76 17.83
CA ALA C 164 10.00 -3.86 17.92
C ALA C 164 9.63 -4.05 19.38
N ARG C 165 10.62 -4.50 20.16
CA ARG C 165 10.42 -4.71 21.58
C ARG C 165 9.64 -3.54 22.16
N SER C 166 10.08 -2.33 21.83
CA SER C 166 9.42 -1.13 22.33
C SER C 166 7.95 -1.17 21.97
N PHE C 167 7.69 -1.45 20.70
CA PHE C 167 6.32 -1.49 20.24
C PHE C 167 5.54 -2.53 21.02
N MET C 168 6.13 -3.71 21.17
CA MET C 168 5.49 -4.79 21.90
C MET C 168 5.16 -4.39 23.34
N VAL C 169 6.05 -3.62 23.94
CA VAL C 169 5.84 -3.13 25.29
C VAL C 169 4.63 -2.19 25.30
N CYS C 170 4.61 -1.23 24.37
CA CYS C 170 3.52 -0.29 24.27
C CYS C 170 2.22 -0.99 23.91
N ILE C 171 2.33 -1.88 22.92
CA ILE C 171 1.17 -2.62 22.45
C ILE C 171 0.45 -3.28 23.62
N GLN C 172 1.18 -4.13 24.34
CA GLN C 172 0.62 -4.80 25.47
C GLN C 172 0.09 -3.83 26.51
N MET C 173 0.98 -3.03 27.09
CA MET C 173 0.61 -2.07 28.12
C MET C 173 -0.48 -1.05 27.77
N ILE C 174 -0.86 -0.96 26.50
CA ILE C 174 -1.91 0.00 26.14
C ILE C 174 -3.07 -0.67 25.41
N SER C 175 -2.73 -1.43 24.37
CA SER C 175 -3.75 -2.11 23.58
C SER C 175 -4.33 -3.29 24.33
N GLU C 176 -3.49 -4.28 24.59
CA GLU C 176 -3.90 -5.47 25.31
C GLU C 176 -4.50 -5.11 26.66
N ALA C 177 -3.92 -4.12 27.31
CA ALA C 177 -4.40 -3.70 28.60
C ALA C 177 -5.76 -3.06 28.43
N ALA C 178 -6.04 -2.55 27.23
CA ALA C 178 -7.33 -1.94 26.98
C ALA C 178 -8.31 -3.04 26.60
N ARG C 179 -7.78 -4.12 26.04
CA ARG C 179 -8.58 -5.26 25.63
C ARG C 179 -8.94 -6.14 26.80
N PHE C 180 -8.01 -6.34 27.72
CA PHE C 180 -8.28 -7.17 28.88
C PHE C 180 -8.01 -6.42 30.16
N GLN C 181 -8.98 -6.37 31.06
CA GLN C 181 -8.76 -5.68 32.33
C GLN C 181 -7.82 -6.55 33.13
N TYR C 182 -7.79 -7.83 32.77
CA TYR C 182 -6.92 -8.77 33.43
C TYR C 182 -5.48 -8.34 33.23
N ILE C 183 -5.20 -7.87 32.03
CA ILE C 183 -3.85 -7.41 31.72
C ILE C 183 -3.63 -6.05 32.38
N GLU C 184 -4.63 -5.17 32.29
CA GLU C 184 -4.54 -3.86 32.89
C GLU C 184 -4.24 -4.01 34.39
N GLY C 185 -4.70 -5.11 34.97
CA GLY C 185 -4.45 -5.31 36.38
C GLY C 185 -3.03 -5.78 36.58
N GLU C 186 -2.58 -6.63 35.68
CA GLU C 186 -1.22 -7.15 35.74
C GLU C 186 -0.24 -6.00 35.69
N MET C 187 -0.64 -4.93 35.00
CA MET C 187 0.20 -3.75 34.88
C MET C 187 -0.04 -2.90 36.10
N ARG C 188 -1.30 -2.82 36.53
CA ARG C 188 -1.67 -2.02 37.70
C ARG C 188 -0.77 -2.44 38.87
N THR C 189 -0.60 -3.73 39.04
CA THR C 189 0.21 -4.25 40.12
C THR C 189 1.70 -3.99 39.90
N ARG C 190 2.17 -4.09 38.66
CA ARG C 190 3.57 -3.83 38.34
C ARG C 190 3.93 -2.42 38.76
N ILE C 191 3.04 -1.48 38.46
CA ILE C 191 3.23 -0.07 38.79
C ILE C 191 3.28 0.09 40.30
N ARG C 192 2.32 -0.50 40.98
CA ARG C 192 2.25 -0.42 42.43
C ARG C 192 3.65 -0.66 42.97
N TYR C 193 4.05 -1.94 42.96
CA TYR C 193 5.35 -2.38 43.44
C TYR C 193 6.52 -2.00 42.53
N ASN C 194 6.31 -0.99 41.70
CA ASN C 194 7.32 -0.51 40.75
C ASN C 194 8.27 -1.62 40.28
N ARG C 195 7.70 -2.78 39.94
CA ARG C 195 8.47 -3.90 39.44
C ARG C 195 8.26 -3.99 37.93
N ARG C 196 9.25 -4.52 37.23
CA ARG C 196 9.17 -4.67 35.79
C ARG C 196 9.45 -6.14 35.47
N SER C 197 8.52 -6.79 34.81
CA SER C 197 8.70 -8.19 34.47
C SER C 197 7.98 -8.55 33.19
N ALA C 198 8.44 -9.63 32.58
CA ALA C 198 7.89 -10.13 31.34
C ALA C 198 6.49 -10.66 31.59
N PRO C 199 5.65 -10.69 30.56
CA PRO C 199 4.31 -11.20 30.76
C PRO C 199 4.43 -12.72 30.96
N ASP C 200 3.56 -13.28 31.81
CA ASP C 200 3.57 -14.72 32.06
C ASP C 200 2.57 -15.39 31.13
N PRO C 201 2.61 -16.72 31.04
CA PRO C 201 1.70 -17.47 30.16
C PRO C 201 0.28 -16.91 30.06
N SER C 202 -0.37 -16.82 31.21
CA SER C 202 -1.73 -16.34 31.25
C SER C 202 -1.87 -15.12 30.36
N VAL C 203 -1.08 -14.10 30.67
CA VAL C 203 -1.11 -12.86 29.91
C VAL C 203 -0.88 -13.04 28.42
N ILE C 204 0.16 -13.80 28.08
CA ILE C 204 0.46 -14.02 26.69
C ILE C 204 -0.70 -14.69 25.97
N THR C 205 -1.11 -15.84 26.47
CA THR C 205 -2.21 -16.56 25.82
C THR C 205 -3.42 -15.66 25.69
N LEU C 206 -3.69 -14.92 26.76
CA LEU C 206 -4.82 -14.03 26.75
C LEU C 206 -4.83 -13.18 25.49
N GLU C 207 -3.69 -12.60 25.15
CA GLU C 207 -3.59 -11.76 23.96
C GLU C 207 -3.58 -12.58 22.66
N ASN C 208 -3.08 -13.79 22.72
CA ASN C 208 -3.06 -14.66 21.55
C ASN C 208 -4.47 -15.13 21.25
N SER C 209 -5.34 -15.06 22.25
CA SER C 209 -6.71 -15.52 22.12
C SER C 209 -7.78 -14.43 21.99
N TRP C 210 -7.38 -13.16 22.08
CA TRP C 210 -8.34 -12.08 22.00
C TRP C 210 -9.32 -12.25 20.85
N GLY C 211 -8.81 -12.60 19.69
CA GLY C 211 -9.65 -12.79 18.52
C GLY C 211 -10.62 -13.94 18.72
N ARG C 212 -10.08 -15.13 18.98
CA ARG C 212 -10.92 -16.30 19.18
C ARG C 212 -12.00 -16.07 20.24
N LEU C 213 -11.65 -15.30 21.25
CA LEU C 213 -12.61 -14.98 22.30
C LEU C 213 -13.70 -14.09 21.73
N SER C 214 -13.29 -12.99 21.12
CA SER C 214 -14.24 -12.05 20.54
C SER C 214 -15.18 -12.80 19.59
N THR C 215 -14.74 -13.96 19.13
CA THR C 215 -15.51 -14.79 18.23
C THR C 215 -16.38 -15.75 19.04
N ALA C 216 -15.72 -16.71 19.69
CA ALA C 216 -16.43 -17.70 20.51
C ALA C 216 -17.55 -17.03 21.31
N ILE C 217 -17.24 -15.90 21.94
CA ILE C 217 -18.22 -15.16 22.73
C ILE C 217 -19.35 -14.61 21.86
N GLN C 218 -19.01 -13.86 20.83
CA GLN C 218 -20.03 -13.25 19.98
C GLN C 218 -20.95 -14.22 19.29
N GLU C 219 -20.41 -15.34 18.84
CA GLU C 219 -21.28 -16.33 18.19
C GLU C 219 -21.42 -17.50 19.14
N SER C 220 -22.11 -17.23 20.24
CA SER C 220 -22.36 -18.22 21.25
C SER C 220 -23.86 -18.19 21.40
N ASN C 221 -24.40 -19.24 22.01
CA ASN C 221 -25.83 -19.29 22.21
C ASN C 221 -26.20 -18.27 23.30
N GLN C 222 -25.86 -18.60 24.54
CA GLN C 222 -26.15 -17.72 25.65
C GLN C 222 -24.94 -17.73 26.56
N GLY C 223 -23.78 -17.45 25.97
CA GLY C 223 -22.54 -17.43 26.73
C GLY C 223 -21.87 -18.79 26.75
N ALA C 224 -22.56 -19.80 26.24
CA ALA C 224 -21.97 -21.12 26.20
C ALA C 224 -21.30 -21.22 24.84
N PHE C 225 -20.02 -21.58 24.85
CA PHE C 225 -19.28 -21.72 23.60
C PHE C 225 -19.56 -23.07 23.00
N ALA C 226 -19.75 -23.11 21.69
CA ALA C 226 -20.00 -24.36 21.00
C ALA C 226 -18.74 -25.20 21.16
N SER C 227 -17.61 -24.51 21.17
CA SER C 227 -16.29 -25.13 21.33
C SER C 227 -15.54 -24.35 22.40
N PRO C 228 -14.79 -25.06 23.27
CA PRO C 228 -14.03 -24.41 24.33
C PRO C 228 -12.80 -23.67 23.83
N ILE C 229 -12.32 -22.73 24.65
CA ILE C 229 -11.13 -21.96 24.32
C ILE C 229 -10.14 -22.35 25.41
N GLN C 230 -8.96 -22.80 25.03
CA GLN C 230 -7.98 -23.18 26.04
C GLN C 230 -7.18 -21.95 26.48
N LEU C 231 -7.06 -21.76 27.78
CA LEU C 231 -6.30 -20.64 28.32
C LEU C 231 -5.24 -21.18 29.26
N GLN C 232 -4.42 -20.29 29.83
CA GLN C 232 -3.36 -20.72 30.73
C GLN C 232 -3.35 -19.94 32.03
N ARG C 233 -2.85 -20.59 33.07
CA ARG C 233 -2.74 -19.96 34.37
C ARG C 233 -1.35 -19.35 34.41
N ARG C 234 -1.11 -18.47 35.38
CA ARG C 234 0.20 -17.84 35.50
C ARG C 234 1.28 -18.93 35.65
N ASN C 235 0.88 -20.14 36.03
CA ASN C 235 1.83 -21.23 36.19
C ASN C 235 1.97 -22.07 34.94
N GLY C 236 1.40 -21.60 33.84
CA GLY C 236 1.50 -22.31 32.58
C GLY C 236 0.48 -23.41 32.35
N SER C 237 -0.17 -23.86 33.41
CA SER C 237 -1.17 -24.91 33.29
C SER C 237 -2.30 -24.40 32.40
N LYS C 238 -2.92 -25.30 31.67
CA LYS C 238 -3.99 -24.91 30.77
C LYS C 238 -5.38 -25.28 31.30
N PHE C 239 -6.39 -24.82 30.60
CA PHE C 239 -7.78 -25.09 30.94
C PHE C 239 -8.70 -24.52 29.87
N ASN C 240 -9.84 -25.18 29.65
CA ASN C 240 -10.79 -24.71 28.64
C ASN C 240 -11.87 -23.85 29.29
N VAL C 241 -12.43 -22.94 28.51
CA VAL C 241 -13.50 -22.08 29.00
C VAL C 241 -14.67 -22.33 28.08
N TYR C 242 -15.73 -22.93 28.61
CA TYR C 242 -16.89 -23.24 27.80
C TYR C 242 -17.99 -22.21 27.96
N ASP C 243 -17.73 -21.21 28.79
CA ASP C 243 -18.73 -20.18 29.05
C ASP C 243 -18.13 -18.79 29.27
N VAL C 244 -18.81 -17.79 28.73
CA VAL C 244 -18.41 -16.39 28.82
C VAL C 244 -18.37 -15.77 30.22
N SER C 245 -19.19 -16.28 31.13
CA SER C 245 -19.26 -15.73 32.49
C SER C 245 -17.88 -15.49 33.10
N ILE C 246 -17.09 -16.55 33.12
CA ILE C 246 -15.74 -16.51 33.68
C ILE C 246 -14.88 -15.42 33.06
N LEU C 247 -15.12 -15.11 31.77
CA LEU C 247 -14.37 -14.10 31.02
C LEU C 247 -14.82 -12.67 31.19
N ILE C 248 -16.08 -12.49 31.54
CA ILE C 248 -16.59 -11.13 31.69
C ILE C 248 -15.66 -10.14 32.44
N PRO C 249 -14.98 -10.60 33.51
CA PRO C 249 -14.12 -9.62 34.18
C PRO C 249 -12.68 -9.69 33.68
N ILE C 250 -12.47 -10.53 32.68
CA ILE C 250 -11.15 -10.73 32.13
C ILE C 250 -10.94 -9.96 30.84
N ILE C 251 -11.96 -9.95 29.98
CA ILE C 251 -11.86 -9.23 28.72
C ILE C 251 -12.74 -7.98 28.76
N ALA C 252 -12.21 -6.88 28.24
CA ALA C 252 -12.92 -5.61 28.25
C ALA C 252 -13.39 -5.13 26.88
N LEU C 253 -12.77 -5.65 25.81
CA LEU C 253 -13.16 -5.23 24.46
C LEU C 253 -13.08 -6.39 23.50
N MET C 254 -13.98 -6.41 22.53
CA MET C 254 -14.00 -7.45 21.52
C MET C 254 -14.05 -6.81 20.14
N VAL C 255 -13.54 -7.52 19.15
CA VAL C 255 -13.54 -7.04 17.77
C VAL C 255 -14.83 -7.50 17.11
N TYR C 256 -15.54 -6.56 16.50
CA TYR C 256 -16.80 -6.88 15.83
C TYR C 256 -16.57 -8.04 14.87
N ARG C 257 -17.33 -9.12 15.05
CA ARG C 257 -17.23 -10.32 14.22
C ARG C 257 -18.51 -10.61 13.43
N CYS C 258 -19.64 -10.20 14.00
CA CYS C 258 -20.95 -10.41 13.39
C CYS C 258 -21.98 -9.46 13.98
N ALA C 259 -23.09 -9.32 13.30
CA ALA C 259 -24.16 -8.45 13.78
C ALA C 259 -25.11 -9.32 14.60
N PRO C 260 -25.78 -8.71 15.59
CA PRO C 260 -26.72 -9.50 16.41
C PRO C 260 -28.11 -9.60 15.77
N PRO C 261 -28.66 -10.83 15.69
CA PRO C 261 -29.98 -11.04 15.10
C PRO C 261 -31.07 -10.35 15.93
N PRO C 262 -31.85 -9.44 15.31
CA PRO C 262 -32.92 -8.71 15.99
C PRO C 262 -33.90 -9.54 16.82
N ALA D 1 -23.70 -6.61 8.78
CA ALA D 1 -23.76 -7.62 7.72
C ALA D 1 -23.38 -9.00 8.25
N ASP D 2 -24.12 -10.03 7.83
CA ASP D 2 -23.87 -11.40 8.24
C ASP D 2 -23.97 -11.60 9.75
N VAL D 3 -25.20 -11.65 10.27
CA VAL D 3 -25.44 -11.80 11.71
C VAL D 3 -24.78 -13.01 12.35
N CYS D 4 -24.70 -12.96 13.68
CA CYS D 4 -24.09 -14.01 14.48
C CYS D 4 -24.86 -15.31 14.40
N MET D 5 -24.12 -16.40 14.30
CA MET D 5 -24.71 -17.71 14.22
C MET D 5 -24.76 -18.31 15.62
N ASP D 6 -25.96 -18.36 16.20
CA ASP D 6 -26.13 -18.93 17.54
C ASP D 6 -26.10 -20.45 17.42
N PRO D 7 -24.99 -21.07 17.83
CA PRO D 7 -24.88 -22.52 17.75
C PRO D 7 -25.80 -23.18 18.76
N GLU D 8 -25.67 -24.50 18.88
CA GLU D 8 -26.49 -25.25 19.83
C GLU D 8 -25.56 -26.19 20.58
N PRO D 9 -24.74 -25.64 21.48
CA PRO D 9 -23.78 -26.38 22.29
C PRO D 9 -24.35 -27.45 23.22
N ILE D 10 -23.50 -28.42 23.53
CA ILE D 10 -23.87 -29.49 24.44
C ILE D 10 -23.00 -29.28 25.68
N VAL D 11 -23.63 -28.88 26.77
CA VAL D 11 -22.91 -28.61 28.01
C VAL D 11 -23.67 -29.05 29.26
N ARG D 12 -22.93 -29.20 30.34
CA ARG D 12 -23.54 -29.57 31.61
C ARG D 12 -23.89 -28.27 32.30
N ILE D 13 -24.92 -28.29 33.13
CA ILE D 13 -25.28 -27.07 33.82
C ILE D 13 -24.97 -27.28 35.28
N VAL D 14 -23.91 -26.62 35.75
CA VAL D 14 -23.51 -26.73 37.14
C VAL D 14 -24.11 -25.59 37.95
N GLY D 15 -24.45 -25.88 39.20
CA GLY D 15 -25.04 -24.88 40.07
C GLY D 15 -24.67 -25.11 41.51
N ARG D 16 -25.53 -24.64 42.42
CA ARG D 16 -25.33 -24.75 43.86
C ARG D 16 -24.39 -25.87 44.34
N ASN D 17 -23.38 -25.47 45.12
CA ASN D 17 -22.39 -26.39 45.69
C ASN D 17 -21.65 -27.27 44.68
N GLY D 18 -21.86 -27.01 43.39
CA GLY D 18 -21.17 -27.76 42.36
C GLY D 18 -21.85 -29.00 41.80
N LEU D 19 -23.18 -29.01 41.82
CA LEU D 19 -23.92 -30.13 41.30
C LEU D 19 -24.48 -29.83 39.90
N CYS D 20 -24.48 -30.83 39.03
CA CYS D 20 -24.96 -30.67 37.67
C CYS D 20 -26.40 -31.12 37.55
N VAL D 21 -27.20 -30.35 36.81
CA VAL D 21 -28.60 -30.71 36.63
C VAL D 21 -28.70 -32.11 36.02
N ASP D 22 -29.29 -33.03 36.78
CA ASP D 22 -29.43 -34.41 36.36
C ASP D 22 -30.90 -34.73 36.11
N VAL D 23 -31.17 -35.46 35.03
CA VAL D 23 -32.53 -35.86 34.73
C VAL D 23 -32.73 -37.09 35.59
N THR D 24 -33.02 -36.82 36.86
CA THR D 24 -33.25 -37.81 37.89
C THR D 24 -33.11 -39.30 37.52
N GLY D 25 -32.06 -39.93 38.05
CA GLY D 25 -31.78 -41.33 37.83
C GLY D 25 -31.88 -41.93 36.43
N GLU D 26 -31.74 -41.10 35.41
CA GLU D 26 -31.82 -41.57 34.02
C GLU D 26 -33.17 -42.18 33.66
N GLU D 27 -34.20 -41.35 33.68
CA GLU D 27 -35.53 -41.83 33.34
C GLU D 27 -36.20 -40.85 32.39
N PHE D 28 -36.54 -41.35 31.21
CA PHE D 28 -37.15 -40.56 30.14
C PHE D 28 -38.66 -40.29 30.18
N PHE D 29 -39.33 -40.61 31.29
CA PHE D 29 -40.77 -40.39 31.35
C PHE D 29 -41.15 -38.94 31.58
N ASP D 30 -42.10 -38.44 30.76
CA ASP D 30 -42.56 -37.06 30.88
C ASP D 30 -43.03 -36.78 32.29
N GLY D 31 -42.66 -35.61 32.80
CA GLY D 31 -43.04 -35.23 34.15
C GLY D 31 -41.96 -35.54 35.17
N ASN D 32 -41.03 -36.45 34.80
CA ASN D 32 -39.95 -36.83 35.70
C ASN D 32 -39.17 -35.62 36.21
N PRO D 33 -38.99 -35.54 37.53
CA PRO D 33 -38.26 -34.44 38.15
C PRO D 33 -36.83 -34.30 37.67
N ILE D 34 -36.24 -33.16 37.96
CA ILE D 34 -34.87 -32.91 37.59
C ILE D 34 -34.14 -32.72 38.91
N GLN D 35 -33.23 -33.63 39.21
CA GLN D 35 -32.49 -33.57 40.46
C GLN D 35 -31.23 -32.73 40.37
N LEU D 36 -30.40 -32.85 41.39
CA LEU D 36 -29.17 -32.08 41.47
C LEU D 36 -27.95 -32.98 41.61
N TRP D 37 -27.92 -34.08 40.87
CA TRP D 37 -26.79 -35.01 40.93
C TRP D 37 -25.45 -34.28 40.73
N PRO D 38 -24.37 -34.82 41.29
CA PRO D 38 -23.04 -34.20 41.15
C PRO D 38 -22.63 -34.22 39.68
N CYS D 39 -21.34 -34.41 39.41
CA CYS D 39 -20.88 -34.46 38.04
C CYS D 39 -19.64 -35.31 37.89
N LYS D 40 -19.56 -36.01 36.77
CA LYS D 40 -18.41 -36.84 36.43
C LYS D 40 -18.43 -37.11 34.94
N SER D 41 -17.26 -37.04 34.31
CA SER D 41 -17.14 -37.24 32.87
C SER D 41 -17.78 -38.53 32.38
N ASN D 42 -18.83 -38.37 31.59
CA ASN D 42 -19.53 -39.51 31.03
C ASN D 42 -20.52 -38.99 30.01
N THR D 43 -20.49 -39.58 28.82
CA THR D 43 -21.37 -39.17 27.75
C THR D 43 -22.86 -39.33 28.09
N ASP D 44 -23.16 -39.52 29.38
CA ASP D 44 -24.55 -39.69 29.84
C ASP D 44 -25.44 -38.49 29.55
N TRP D 45 -26.43 -38.66 28.70
CA TRP D 45 -27.34 -37.56 28.41
C TRP D 45 -28.15 -37.35 29.68
N ASN D 46 -27.72 -38.04 30.72
CA ASN D 46 -28.34 -37.95 32.04
C ASN D 46 -27.81 -36.67 32.68
N GLN D 47 -27.00 -35.92 31.94
CA GLN D 47 -26.42 -34.71 32.48
C GLN D 47 -26.05 -33.66 31.42
N LEU D 48 -25.97 -34.08 30.16
CA LEU D 48 -25.62 -33.19 29.05
C LEU D 48 -26.86 -32.53 28.47
N TRP D 49 -26.85 -31.21 28.38
CA TRP D 49 -27.98 -30.48 27.84
C TRP D 49 -27.68 -29.66 26.61
N THR D 50 -28.48 -29.88 25.57
CA THR D 50 -28.32 -29.17 24.31
C THR D 50 -29.12 -27.88 24.30
N LEU D 51 -28.42 -26.75 24.24
CA LEU D 51 -29.10 -25.46 24.23
C LEU D 51 -29.62 -25.16 22.83
N ARG D 52 -30.76 -25.75 22.48
CA ARG D 52 -31.37 -25.54 21.16
C ARG D 52 -31.61 -24.05 20.94
N LYS D 53 -31.90 -23.68 19.70
CA LYS D 53 -32.14 -22.29 19.33
C LYS D 53 -33.54 -21.80 19.71
N ASP D 54 -34.47 -22.74 19.86
CA ASP D 54 -35.85 -22.41 20.23
C ASP D 54 -35.93 -21.96 21.70
N SER D 55 -34.76 -21.77 22.31
CA SER D 55 -34.63 -21.35 23.70
C SER D 55 -34.77 -22.51 24.64
N THR D 56 -35.00 -23.70 24.09
CA THR D 56 -35.17 -24.87 24.94
C THR D 56 -33.83 -25.43 25.35
N ILE D 57 -33.88 -26.29 26.35
CA ILE D 57 -32.70 -26.94 26.90
C ILE D 57 -33.05 -28.41 26.89
N ARG D 58 -32.53 -29.12 25.89
CA ARG D 58 -32.83 -30.53 25.72
C ARG D 58 -31.82 -31.59 26.12
N SER D 59 -32.21 -32.39 27.10
CA SER D 59 -31.41 -33.49 27.59
C SER D 59 -32.01 -34.72 26.96
N ASN D 60 -31.51 -35.07 25.78
CA ASN D 60 -31.99 -36.24 25.08
C ASN D 60 -33.36 -35.94 24.48
N GLY D 61 -33.41 -34.96 23.58
CA GLY D 61 -34.66 -34.60 22.94
C GLY D 61 -35.75 -34.08 23.87
N LYS D 62 -35.54 -34.22 25.17
CA LYS D 62 -36.54 -33.75 26.13
C LYS D 62 -36.18 -32.44 26.78
N CYS D 63 -37.12 -31.51 26.69
CA CYS D 63 -37.00 -30.17 27.23
C CYS D 63 -36.99 -30.07 28.76
N LEU D 64 -36.42 -28.96 29.25
CA LEU D 64 -36.40 -28.68 30.68
C LEU D 64 -37.76 -28.02 30.84
N THR D 65 -38.53 -28.39 31.87
CA THR D 65 -39.86 -27.82 31.97
C THR D 65 -40.43 -27.43 33.33
N ILE D 66 -41.13 -26.31 33.36
CA ILE D 66 -41.77 -25.83 34.58
C ILE D 66 -43.12 -26.54 34.59
N SER D 67 -43.25 -27.51 35.49
CA SER D 67 -44.49 -28.27 35.62
C SER D 67 -45.69 -27.33 35.62
N LYS D 68 -45.59 -26.25 36.39
CA LYS D 68 -46.67 -25.27 36.45
C LYS D 68 -46.06 -23.87 36.60
N SER D 69 -46.66 -22.88 35.93
CA SER D 69 -46.17 -21.50 36.00
C SER D 69 -46.45 -20.75 37.29
N SER D 70 -45.89 -21.23 38.40
CA SER D 70 -46.10 -20.57 39.68
C SER D 70 -44.98 -20.95 40.65
N PRO D 71 -44.58 -19.99 41.52
CA PRO D 71 -43.52 -20.10 42.53
C PRO D 71 -43.38 -21.44 43.24
N ARG D 72 -42.13 -21.83 43.44
CA ARG D 72 -41.75 -23.09 44.12
C ARG D 72 -42.23 -24.34 43.41
N GLN D 73 -42.77 -24.15 42.21
CA GLN D 73 -43.29 -25.23 41.41
C GLN D 73 -42.30 -26.36 41.14
N GLN D 74 -42.32 -26.91 39.94
CA GLN D 74 -41.41 -28.02 39.66
C GLN D 74 -40.81 -28.08 38.26
N VAL D 75 -39.48 -28.23 38.21
CA VAL D 75 -38.76 -28.34 36.95
C VAL D 75 -38.57 -29.80 36.61
N VAL D 76 -39.10 -30.20 35.45
CA VAL D 76 -39.03 -31.58 35.02
C VAL D 76 -38.87 -31.76 33.51
N ILE D 77 -38.35 -32.92 33.13
CA ILE D 77 -38.19 -33.26 31.72
C ILE D 77 -39.58 -33.48 31.16
N TYR D 78 -39.74 -33.43 29.84
CA TYR D 78 -41.06 -33.61 29.22
C TYR D 78 -40.90 -33.56 27.70
N ASN D 79 -41.84 -34.18 26.99
CA ASN D 79 -41.79 -34.16 25.53
C ASN D 79 -41.91 -32.69 25.14
N CYS D 80 -40.89 -32.17 24.45
CA CYS D 80 -40.89 -30.77 24.04
C CYS D 80 -42.13 -30.44 23.26
N SER D 81 -42.58 -31.42 22.50
CA SER D 81 -43.75 -31.29 21.66
C SER D 81 -45.05 -31.30 22.45
N THR D 82 -45.14 -32.15 23.47
CA THR D 82 -46.35 -32.26 24.27
C THR D 82 -46.52 -31.17 25.35
N ALA D 83 -45.53 -31.00 26.20
CA ALA D 83 -45.60 -29.99 27.25
C ALA D 83 -45.88 -28.63 26.63
N THR D 84 -46.25 -27.64 27.44
CA THR D 84 -46.54 -26.30 26.92
C THR D 84 -45.26 -25.62 26.42
N VAL D 85 -45.37 -24.91 25.31
CA VAL D 85 -44.22 -24.20 24.72
C VAL D 85 -43.50 -23.32 25.74
N GLY D 86 -44.23 -22.38 26.32
CA GLY D 86 -43.63 -21.48 27.28
C GLY D 86 -43.07 -22.09 28.55
N ALA D 87 -43.23 -23.41 28.70
CA ALA D 87 -42.74 -24.09 29.89
C ALA D 87 -41.42 -24.81 29.62
N THR D 88 -41.01 -24.81 28.36
CA THR D 88 -39.77 -25.47 27.96
C THR D 88 -38.78 -24.41 27.55
N ARG D 89 -39.30 -23.26 27.13
CA ARG D 89 -38.45 -22.19 26.71
C ARG D 89 -37.83 -21.50 27.92
N TRP D 90 -36.50 -21.57 27.96
CA TRP D 90 -35.70 -20.98 29.02
C TRP D 90 -34.90 -19.80 28.53
N GLN D 91 -33.99 -19.32 29.38
CA GLN D 91 -33.19 -18.16 29.02
C GLN D 91 -32.03 -17.98 29.99
N ILE D 92 -30.87 -18.53 29.63
CA ILE D 92 -29.67 -18.44 30.46
C ILE D 92 -29.13 -17.02 30.43
N TRP D 93 -28.88 -16.48 31.61
CA TRP D 93 -28.37 -15.12 31.74
C TRP D 93 -26.89 -15.09 32.08
N ASP D 94 -26.29 -13.92 31.88
CA ASP D 94 -24.87 -13.71 32.15
C ASP D 94 -24.54 -13.72 33.63
N ASN D 95 -25.48 -13.22 34.43
CA ASN D 95 -25.32 -13.18 35.88
C ASN D 95 -25.52 -14.54 36.52
N ARG D 96 -25.77 -15.53 35.67
CA ARG D 96 -25.93 -16.94 36.05
C ARG D 96 -27.34 -17.43 36.42
N THR D 97 -28.33 -16.67 35.99
CA THR D 97 -29.73 -16.99 36.23
C THR D 97 -30.28 -17.76 35.02
N ILE D 98 -31.03 -18.83 35.25
CA ILE D 98 -31.64 -19.57 34.15
C ILE D 98 -33.13 -19.41 34.39
N ILE D 99 -33.71 -18.45 33.69
CA ILE D 99 -35.12 -18.10 33.86
C ILE D 99 -36.10 -18.54 32.78
N ASN D 100 -37.34 -18.84 33.21
CA ASN D 100 -38.44 -19.23 32.32
C ASN D 100 -39.27 -17.95 32.16
N PRO D 101 -38.95 -17.16 31.13
CA PRO D 101 -39.61 -15.88 30.80
C PRO D 101 -41.13 -15.88 30.79
N ARG D 102 -41.74 -17.04 30.55
CA ARG D 102 -43.19 -17.18 30.50
C ARG D 102 -43.83 -17.10 31.88
N SER D 103 -43.00 -17.08 32.90
CA SER D 103 -43.46 -17.00 34.27
C SER D 103 -42.61 -16.01 35.06
N GLY D 104 -41.40 -15.77 34.58
CA GLY D 104 -40.50 -14.86 35.25
C GLY D 104 -39.79 -15.55 36.40
N LEU D 105 -39.91 -16.88 36.46
CA LEU D 105 -39.31 -17.64 37.54
C LEU D 105 -38.03 -18.33 37.09
N VAL D 106 -37.03 -18.31 37.97
CA VAL D 106 -35.72 -18.89 37.67
C VAL D 106 -35.52 -20.30 38.19
N LEU D 107 -34.73 -21.09 37.46
CA LEU D 107 -34.43 -22.44 37.90
C LEU D 107 -33.80 -22.28 39.27
N ALA D 108 -34.03 -23.23 40.15
CA ALA D 108 -33.48 -23.16 41.49
C ALA D 108 -33.21 -24.55 42.05
N ALA D 109 -32.70 -24.59 43.28
CA ALA D 109 -32.40 -25.83 43.98
C ALA D 109 -32.43 -25.45 45.46
N THR D 110 -33.64 -25.32 45.99
CA THR D 110 -33.86 -24.93 47.37
C THR D 110 -33.00 -25.65 48.40
N SER D 111 -32.35 -26.73 48.01
CA SER D 111 -31.50 -27.48 48.93
C SER D 111 -30.18 -27.85 48.25
N GLY D 112 -29.07 -27.69 48.96
CA GLY D 112 -27.79 -28.03 48.38
C GLY D 112 -27.59 -29.53 48.45
N ASN D 113 -28.58 -30.21 48.99
CA ASN D 113 -28.55 -31.67 49.16
C ASN D 113 -28.31 -32.41 47.85
N SER D 114 -27.13 -33.02 47.73
CA SER D 114 -26.76 -33.76 46.52
C SER D 114 -27.84 -34.71 46.05
N GLY D 115 -28.74 -34.20 45.22
CA GLY D 115 -29.83 -35.01 44.69
C GLY D 115 -31.16 -34.27 44.77
N THR D 116 -31.09 -33.00 45.14
CA THR D 116 -32.27 -32.14 45.27
C THR D 116 -33.17 -32.03 44.04
N LYS D 117 -34.43 -31.69 44.28
CA LYS D 117 -35.38 -31.52 43.19
C LYS D 117 -35.44 -30.06 42.77
N LEU D 118 -35.24 -29.81 41.49
CA LEU D 118 -35.26 -28.44 40.97
C LEU D 118 -36.68 -27.90 40.91
N THR D 119 -36.79 -26.59 41.04
CA THR D 119 -38.08 -25.90 41.01
C THR D 119 -37.83 -24.50 40.50
N VAL D 120 -38.88 -23.74 40.23
CA VAL D 120 -38.66 -22.37 39.81
C VAL D 120 -39.03 -21.57 41.03
N GLN D 121 -38.42 -20.41 41.21
CA GLN D 121 -38.71 -19.59 42.38
C GLN D 121 -38.67 -18.15 42.02
N THR D 122 -39.29 -17.29 42.83
CA THR D 122 -39.18 -15.88 42.55
C THR D 122 -37.66 -15.70 42.60
N ASN D 123 -37.15 -14.83 41.73
CA ASN D 123 -35.73 -14.58 41.64
C ASN D 123 -35.16 -13.59 42.65
N ILE D 124 -34.20 -14.06 43.44
CA ILE D 124 -33.52 -13.24 44.45
C ILE D 124 -32.00 -13.34 44.31
N TYR D 125 -31.55 -13.71 43.12
CA TYR D 125 -30.12 -13.81 42.84
C TYR D 125 -29.43 -14.48 44.01
N ALA D 126 -29.87 -15.70 44.29
CA ALA D 126 -29.33 -16.50 45.39
C ALA D 126 -28.46 -17.62 44.86
N VAL D 127 -27.61 -18.15 45.74
CA VAL D 127 -26.71 -19.24 45.39
C VAL D 127 -27.48 -20.48 44.93
N SER D 128 -28.78 -20.54 45.21
CA SER D 128 -29.58 -21.69 44.82
C SER D 128 -30.11 -21.45 43.42
N GLN D 129 -30.15 -20.19 43.05
CA GLN D 129 -30.62 -19.76 41.74
C GLN D 129 -29.48 -19.51 40.76
N GLY D 130 -28.27 -19.93 41.15
CA GLY D 130 -27.09 -19.74 40.30
C GLY D 130 -26.77 -20.96 39.45
N TRP D 131 -26.57 -20.73 38.16
CA TRP D 131 -26.28 -21.81 37.22
C TRP D 131 -25.20 -21.44 36.22
N LEU D 132 -24.48 -22.44 35.74
CA LEU D 132 -23.40 -22.22 34.78
C LEU D 132 -23.31 -23.32 33.71
N PRO D 133 -23.66 -22.99 32.45
CA PRO D 133 -23.59 -23.97 31.36
C PRO D 133 -22.14 -24.15 30.94
N THR D 134 -21.53 -25.26 31.34
CA THR D 134 -20.14 -25.51 30.99
C THR D 134 -19.79 -26.96 31.22
N ASN D 135 -18.91 -27.48 30.37
CA ASN D 135 -18.44 -28.86 30.49
C ASN D 135 -17.31 -28.90 31.51
N ASN D 136 -16.95 -27.74 32.03
CA ASN D 136 -15.88 -27.64 33.01
C ASN D 136 -16.45 -27.74 34.41
N THR D 137 -16.58 -28.98 34.89
CA THR D 137 -17.16 -29.29 36.19
C THR D 137 -16.52 -28.65 37.43
N GLN D 138 -15.21 -28.76 37.57
CA GLN D 138 -14.51 -28.21 38.74
C GLN D 138 -14.51 -26.68 38.82
N PRO D 139 -14.67 -26.14 40.05
CA PRO D 139 -14.68 -24.68 40.23
C PRO D 139 -13.36 -24.02 39.89
N PHE D 140 -13.45 -22.76 39.49
CA PHE D 140 -12.29 -21.97 39.11
C PHE D 140 -11.47 -21.58 40.33
N VAL D 141 -10.31 -22.20 40.51
CA VAL D 141 -9.42 -21.89 41.62
C VAL D 141 -8.56 -20.67 41.25
N THR D 142 -8.62 -19.62 42.08
CA THR D 142 -7.87 -18.39 41.79
C THR D 142 -7.62 -17.51 43.02
N THR D 143 -6.76 -16.51 42.83
CA THR D 143 -6.43 -15.57 43.89
C THR D 143 -7.12 -14.26 43.50
N ILE D 144 -7.76 -13.61 44.45
CA ILE D 144 -8.47 -12.37 44.15
C ILE D 144 -7.69 -11.14 44.60
N VAL D 145 -6.95 -10.59 43.66
CA VAL D 145 -6.14 -9.42 43.91
C VAL D 145 -6.95 -8.15 43.77
N GLY D 146 -6.81 -7.28 44.76
CA GLY D 146 -7.52 -6.03 44.73
C GLY D 146 -6.53 -4.94 45.08
N LEU D 147 -7.04 -3.92 45.75
CA LEU D 147 -6.27 -2.77 46.21
C LEU D 147 -4.80 -3.11 46.52
N TYR D 148 -3.88 -2.31 45.97
CA TYR D 148 -2.44 -2.49 46.18
C TYR D 148 -1.86 -3.83 45.74
N GLY D 149 -2.48 -4.46 44.75
CA GLY D 149 -1.98 -5.74 44.31
C GLY D 149 -2.03 -6.72 45.47
N MET D 150 -2.79 -6.34 46.50
CA MET D 150 -2.97 -7.17 47.69
C MET D 150 -4.00 -8.27 47.45
N CYS D 151 -3.69 -9.45 47.95
CA CYS D 151 -4.56 -10.60 47.82
C CYS D 151 -5.66 -10.64 48.90
N LEU D 152 -6.76 -11.31 48.56
CA LEU D 152 -7.88 -11.44 49.47
C LEU D 152 -7.62 -12.63 50.36
N GLN D 153 -7.54 -12.41 51.67
CA GLN D 153 -7.27 -13.51 52.59
C GLN D 153 -8.34 -13.72 53.65
N ALA D 154 -8.63 -14.98 53.93
CA ALA D 154 -9.62 -15.35 54.93
C ALA D 154 -9.06 -16.39 55.90
N ASN D 155 -9.48 -16.30 57.15
CA ASN D 155 -9.04 -17.24 58.17
C ASN D 155 -10.14 -17.43 59.20
N SER D 156 -10.66 -18.64 59.25
CA SER D 156 -11.73 -19.00 60.18
C SER D 156 -12.81 -17.94 60.31
N GLY D 157 -13.63 -17.84 59.27
CA GLY D 157 -14.73 -16.89 59.31
C GLY D 157 -14.43 -15.43 59.00
N LYS D 158 -13.17 -15.06 58.83
CA LYS D 158 -12.85 -13.66 58.55
C LYS D 158 -12.24 -13.43 57.17
N VAL D 159 -12.62 -12.32 56.56
CA VAL D 159 -12.11 -11.94 55.25
C VAL D 159 -11.56 -10.51 55.33
N TRP D 160 -10.27 -10.39 55.06
CA TRP D 160 -9.58 -9.11 55.09
C TRP D 160 -8.57 -9.02 53.94
N LEU D 161 -7.94 -7.85 53.78
CA LEU D 161 -6.98 -7.66 52.71
C LEU D 161 -5.54 -7.83 53.19
N GLU D 162 -4.82 -8.73 52.54
CA GLU D 162 -3.43 -9.05 52.90
C GLU D 162 -2.50 -8.88 51.70
N ASP D 163 -1.21 -9.11 51.93
CA ASP D 163 -0.22 -9.04 50.88
C ASP D 163 -0.11 -10.43 50.30
N CYS D 164 -0.10 -10.53 48.96
CA CYS D 164 0.00 -11.83 48.32
C CYS D 164 1.26 -12.51 48.81
N THR D 165 1.15 -13.79 49.12
CA THR D 165 2.27 -14.54 49.65
C THR D 165 2.44 -15.86 48.92
N SER D 166 2.48 -15.80 47.59
CA SER D 166 2.64 -17.00 46.78
C SER D 166 1.66 -18.11 47.17
N GLU D 167 2.19 -19.29 47.46
CA GLU D 167 1.40 -20.47 47.81
C GLU D 167 0.36 -20.27 48.93
N LYS D 168 0.31 -19.10 49.55
CA LYS D 168 -0.63 -18.84 50.65
C LYS D 168 -2.04 -19.34 50.37
N ALA D 169 -2.36 -20.52 50.91
CA ALA D 169 -3.67 -21.14 50.73
C ALA D 169 -4.82 -20.28 51.23
N GLU D 170 -4.56 -19.44 52.24
CA GLU D 170 -5.59 -18.57 52.82
C GLU D 170 -6.01 -17.48 51.84
N GLN D 171 -5.31 -17.41 50.71
CA GLN D 171 -5.60 -16.44 49.68
C GLN D 171 -5.99 -17.16 48.39
N GLN D 172 -6.29 -18.45 48.53
CA GLN D 172 -6.73 -19.30 47.43
C GLN D 172 -8.24 -19.47 47.53
N TRP D 173 -8.94 -19.22 46.43
CA TRP D 173 -10.39 -19.34 46.43
C TRP D 173 -10.92 -20.23 45.31
N ALA D 174 -12.16 -20.65 45.51
CA ALA D 174 -12.87 -21.49 44.54
C ALA D 174 -14.14 -20.75 44.13
N LEU D 175 -14.22 -20.44 42.84
CA LEU D 175 -15.37 -19.74 42.28
C LEU D 175 -16.33 -20.80 41.75
N TYR D 176 -17.39 -21.02 42.50
CA TYR D 176 -18.37 -22.02 42.13
C TYR D 176 -19.34 -21.54 41.07
N ALA D 177 -19.89 -22.50 40.33
CA ALA D 177 -20.84 -22.22 39.26
C ALA D 177 -22.11 -21.54 39.75
N ASP D 178 -22.36 -21.62 41.06
CA ASP D 178 -23.54 -21.01 41.67
C ASP D 178 -23.40 -19.52 42.02
N GLY D 179 -22.24 -18.94 41.69
CA GLY D 179 -22.03 -17.53 41.97
C GLY D 179 -21.48 -17.31 43.37
N SER D 180 -21.23 -18.43 44.06
CA SER D 180 -20.70 -18.36 45.41
C SER D 180 -19.18 -18.28 45.38
N ILE D 181 -18.64 -17.43 46.24
CA ILE D 181 -17.21 -17.26 46.35
C ILE D 181 -16.80 -17.98 47.64
N ARG D 182 -16.08 -19.09 47.50
CA ARG D 182 -15.69 -19.89 48.64
C ARG D 182 -14.19 -20.06 48.82
N PRO D 183 -13.71 -19.98 50.07
CA PRO D 183 -12.27 -20.11 50.38
C PRO D 183 -11.80 -21.51 50.06
N GLN D 184 -10.75 -21.61 49.25
CA GLN D 184 -10.22 -22.90 48.85
C GLN D 184 -10.07 -23.91 49.99
N GLN D 185 -9.46 -23.48 51.09
CA GLN D 185 -9.22 -24.36 52.23
C GLN D 185 -10.44 -24.87 53.00
N ASN D 186 -11.63 -24.71 52.43
CA ASN D 186 -12.88 -25.15 53.06
C ASN D 186 -14.01 -24.87 52.09
N ARG D 187 -14.19 -25.75 51.11
CA ARG D 187 -15.20 -25.57 50.08
C ARG D 187 -16.66 -25.73 50.50
N ASP D 188 -16.97 -25.47 51.78
CA ASP D 188 -18.34 -25.56 52.25
C ASP D 188 -18.63 -24.29 53.04
N ASN D 189 -17.80 -23.27 52.80
CA ASN D 189 -17.94 -21.97 53.43
C ASN D 189 -18.02 -20.90 52.33
N CYS D 190 -19.05 -20.07 52.39
CA CYS D 190 -19.30 -19.05 51.38
C CYS D 190 -19.06 -17.63 51.81
N LEU D 191 -18.32 -16.89 51.01
CA LEU D 191 -18.06 -15.48 51.32
C LEU D 191 -19.40 -14.79 51.37
N THR D 192 -19.76 -14.20 52.50
CA THR D 192 -21.05 -13.56 52.58
C THR D 192 -21.21 -12.20 53.25
N THR D 193 -22.26 -11.52 52.82
CA THR D 193 -22.66 -10.22 53.34
C THR D 193 -24.03 -10.44 53.98
N ASP D 194 -24.04 -10.96 55.20
CA ASP D 194 -25.27 -11.27 55.95
C ASP D 194 -26.37 -10.20 55.96
N ALA D 195 -26.04 -8.98 55.54
CA ALA D 195 -27.03 -7.90 55.49
C ALA D 195 -26.93 -7.13 54.17
N ASN D 196 -28.07 -6.71 53.66
CA ASN D 196 -28.10 -5.99 52.40
C ASN D 196 -28.06 -4.50 52.60
N ILE D 197 -27.13 -4.07 53.45
CA ILE D 197 -26.99 -2.66 53.77
C ILE D 197 -25.55 -2.13 53.64
N LYS D 198 -25.44 -0.87 53.22
CA LYS D 198 -24.19 -0.16 53.04
C LYS D 198 -23.29 -0.24 54.27
N GLY D 199 -22.00 -0.47 54.06
CA GLY D 199 -21.07 -0.56 55.16
C GLY D 199 -21.01 -1.95 55.76
N THR D 200 -22.03 -2.76 55.48
CA THR D 200 -22.05 -4.11 56.02
C THR D 200 -20.74 -4.81 55.79
N VAL D 201 -20.08 -5.20 56.87
CA VAL D 201 -18.83 -5.90 56.74
C VAL D 201 -19.18 -7.32 56.33
N VAL D 202 -18.31 -7.93 55.55
CA VAL D 202 -18.56 -9.28 55.09
C VAL D 202 -17.53 -10.21 55.71
N LYS D 203 -17.78 -11.51 55.59
CA LYS D 203 -16.88 -12.54 56.12
C LYS D 203 -17.30 -13.84 55.49
N ILE D 204 -16.65 -14.94 55.88
CA ILE D 204 -17.03 -16.23 55.33
C ILE D 204 -17.90 -16.95 56.36
N LEU D 205 -18.95 -17.62 55.87
CA LEU D 205 -19.89 -18.33 56.72
C LEU D 205 -20.26 -19.64 56.05
N SER D 206 -21.23 -20.34 56.62
CA SER D 206 -21.68 -21.61 56.06
C SER D 206 -22.39 -21.32 54.74
N CYS D 207 -22.28 -22.24 53.78
CA CYS D 207 -22.94 -22.06 52.49
C CYS D 207 -24.37 -22.58 52.59
N GLY D 208 -24.72 -23.06 53.76
CA GLY D 208 -26.04 -23.59 53.98
C GLY D 208 -27.13 -22.75 53.35
N PRO D 209 -27.39 -21.53 53.85
CA PRO D 209 -28.44 -20.70 53.25
C PRO D 209 -28.32 -20.47 51.75
N ALA D 210 -27.10 -20.36 51.24
CA ALA D 210 -26.86 -20.12 49.82
C ALA D 210 -27.80 -19.01 49.40
N SER D 211 -27.63 -17.83 49.98
CA SER D 211 -28.53 -16.71 49.70
C SER D 211 -28.05 -15.55 48.84
N SER D 212 -28.85 -14.48 48.88
CA SER D 212 -28.60 -13.25 48.13
C SER D 212 -27.47 -12.48 48.81
N GLY D 213 -26.49 -13.22 49.32
CA GLY D 213 -25.37 -12.61 50.01
C GLY D 213 -24.13 -13.46 49.88
N GLN D 214 -24.34 -14.71 49.44
CA GLN D 214 -23.25 -15.65 49.23
C GLN D 214 -23.10 -15.84 47.73
N ARG D 215 -23.81 -15.01 46.98
CA ARG D 215 -23.77 -15.07 45.53
C ARG D 215 -23.13 -13.77 45.05
N TRP D 216 -22.09 -13.92 44.25
CA TRP D 216 -21.36 -12.79 43.72
C TRP D 216 -21.10 -12.86 42.23
N MET D 217 -20.95 -11.69 41.62
CA MET D 217 -20.68 -11.59 40.20
C MET D 217 -19.54 -10.63 39.89
N PHE D 218 -18.52 -11.15 39.22
CA PHE D 218 -17.38 -10.34 38.80
C PHE D 218 -17.88 -9.57 37.58
N LYS D 219 -18.19 -8.28 37.78
CA LYS D 219 -18.69 -7.43 36.71
C LYS D 219 -17.59 -7.05 35.77
N ASN D 220 -17.98 -6.77 34.54
CA ASN D 220 -17.03 -6.40 33.51
C ASN D 220 -16.13 -5.26 34.00
N ASP D 221 -16.66 -4.40 34.87
CA ASP D 221 -15.86 -3.26 35.38
C ASP D 221 -14.88 -3.61 36.49
N GLY D 222 -14.64 -4.89 36.68
CA GLY D 222 -13.71 -5.33 37.69
C GLY D 222 -14.23 -5.30 39.11
N THR D 223 -15.49 -4.93 39.31
CA THR D 223 -16.05 -4.92 40.65
C THR D 223 -16.73 -6.25 40.90
N ILE D 224 -16.70 -6.72 42.14
CA ILE D 224 -17.39 -7.97 42.46
C ILE D 224 -18.65 -7.52 43.15
N LEU D 225 -19.78 -7.74 42.50
CA LEU D 225 -21.05 -7.28 43.04
C LEU D 225 -22.06 -8.35 43.48
N ASN D 226 -22.88 -7.97 44.46
CA ASN D 226 -23.93 -8.86 44.96
C ASN D 226 -25.12 -8.48 44.11
N LEU D 227 -25.57 -9.44 43.33
CA LEU D 227 -26.68 -9.26 42.40
C LEU D 227 -27.96 -8.76 43.07
N TYR D 228 -28.35 -9.43 44.15
CA TYR D 228 -29.57 -9.05 44.84
C TYR D 228 -29.67 -7.61 45.35
N ASN D 229 -28.66 -7.15 46.09
CA ASN D 229 -28.66 -5.77 46.63
C ASN D 229 -28.02 -4.69 45.78
N GLY D 230 -27.17 -5.08 44.82
CA GLY D 230 -26.56 -4.10 43.94
C GLY D 230 -25.34 -3.37 44.47
N LEU D 231 -24.77 -3.91 45.54
CA LEU D 231 -23.58 -3.32 46.13
C LEU D 231 -22.40 -4.23 45.82
N VAL D 232 -21.20 -3.67 45.84
CA VAL D 232 -19.99 -4.41 45.53
C VAL D 232 -19.05 -4.50 46.72
N LEU D 233 -18.04 -5.36 46.60
CA LEU D 233 -17.04 -5.53 47.63
C LEU D 233 -16.15 -4.32 47.62
N ASP D 234 -15.99 -3.71 48.79
CA ASP D 234 -15.22 -2.50 48.98
C ASP D 234 -14.36 -2.67 50.22
N VAL D 235 -13.07 -2.33 50.13
CA VAL D 235 -12.19 -2.44 51.30
C VAL D 235 -12.49 -1.22 52.16
N ARG D 236 -12.91 -1.46 53.40
CA ARG D 236 -13.26 -0.37 54.32
C ARG D 236 -12.45 0.89 54.13
N ARG D 237 -13.03 1.84 53.42
CA ARG D 237 -12.39 3.12 53.15
C ARG D 237 -10.91 3.02 52.73
N SER D 238 -10.68 2.22 51.69
CA SER D 238 -9.37 1.98 51.09
C SER D 238 -8.25 1.56 52.04
N ASP D 239 -8.59 1.32 53.30
CA ASP D 239 -7.59 0.94 54.29
C ASP D 239 -7.60 -0.55 54.62
N PRO D 240 -6.67 -1.31 54.02
CA PRO D 240 -6.58 -2.75 54.26
C PRO D 240 -6.06 -3.09 55.64
N SER D 241 -5.62 -2.08 56.39
CA SER D 241 -5.12 -2.33 57.73
C SER D 241 -6.31 -2.50 58.65
N LEU D 242 -7.48 -2.02 58.21
CA LEU D 242 -8.70 -2.14 59.01
C LEU D 242 -9.23 -3.57 58.83
N LYS D 243 -8.39 -4.43 58.23
CA LYS D 243 -8.70 -5.84 57.98
C LYS D 243 -10.16 -6.24 57.83
N GLN D 244 -10.93 -5.48 57.06
CA GLN D 244 -12.33 -5.84 56.85
C GLN D 244 -12.86 -5.33 55.53
N ILE D 245 -13.53 -6.22 54.81
CA ILE D 245 -14.11 -5.88 53.52
C ILE D 245 -15.60 -5.68 53.67
N ILE D 246 -16.11 -4.63 53.05
CA ILE D 246 -17.53 -4.33 53.14
C ILE D 246 -18.22 -4.33 51.78
N VAL D 247 -19.51 -4.01 51.79
CA VAL D 247 -20.32 -3.92 50.60
C VAL D 247 -20.77 -2.46 50.54
N HIS D 248 -20.29 -1.74 49.54
CA HIS D 248 -20.60 -0.33 49.42
C HIS D 248 -21.21 -0.05 48.05
N PRO D 249 -21.92 1.08 47.92
CA PRO D 249 -22.53 1.46 46.65
C PRO D 249 -21.42 1.74 45.63
N PHE D 250 -21.43 0.97 44.55
CA PHE D 250 -20.46 1.09 43.48
C PHE D 250 -20.09 2.55 43.16
N HIS D 251 -18.80 2.81 43.02
CA HIS D 251 -18.29 4.13 42.65
C HIS D 251 -17.09 3.91 41.72
N GLY D 252 -16.61 2.68 41.68
CA GLY D 252 -15.51 2.33 40.79
C GLY D 252 -14.07 2.59 41.19
N ASN D 253 -13.83 3.27 42.31
CA ASN D 253 -12.46 3.50 42.69
C ASN D 253 -11.72 2.20 42.96
N LEU D 254 -10.39 2.25 42.93
CA LEU D 254 -9.57 1.05 43.11
C LEU D 254 -9.82 0.17 44.32
N ASN D 255 -10.55 0.68 45.32
CA ASN D 255 -10.84 -0.11 46.51
C ASN D 255 -11.95 -1.12 46.24
N GLN D 256 -12.73 -0.85 45.18
CA GLN D 256 -13.83 -1.73 44.78
C GLN D 256 -13.43 -2.63 43.61
N ILE D 257 -12.29 -2.31 43.01
CA ILE D 257 -11.75 -3.04 41.87
C ILE D 257 -10.97 -4.26 42.27
N TRP D 258 -11.32 -5.39 41.67
CA TRP D 258 -10.67 -6.65 41.97
C TRP D 258 -10.16 -7.28 40.68
N LEU D 259 -9.38 -8.33 40.84
CA LEU D 259 -8.82 -8.98 39.69
C LEU D 259 -8.48 -10.42 40.02
N PRO D 260 -9.11 -11.37 39.32
CA PRO D 260 -8.81 -12.77 39.60
C PRO D 260 -7.53 -13.23 38.90
N LEU D 261 -6.40 -13.08 39.58
CA LEU D 261 -5.12 -13.51 39.02
C LEU D 261 -4.98 -14.99 39.31
N PHE D 262 -5.17 -15.81 38.29
CA PHE D 262 -5.09 -17.24 38.48
C PHE D 262 -3.71 -17.76 38.08
#